data_4WUZ
#
_entry.id   4WUZ
#
_cell.length_a   80.038
_cell.length_b   80.038
_cell.length_c   241.596
_cell.angle_alpha   90.00
_cell.angle_beta   90.00
_cell.angle_gamma   120.00
#
_symmetry.space_group_name_H-M   'P 65'
#
loop_
_entity.id
_entity.type
_entity.pdbx_description
1 polymer Exonuclease
2 polymer "DNA (5'-D(*TP*T*TP*CP*GP*GP*TP*AP*CP*AP*GP*TP*AP*G)-3')"
3 polymer "DNA (5'-D(P*AP*GP*CP*TP*AP*CP*TP*GP*TP*AP*CP*CP*GP*A)-3')"
4 non-polymer 'CALCIUM ION'
5 non-polymer 'PHOSPHATE ION'
6 water water
#
loop_
_entity_poly.entity_id
_entity_poly.type
_entity_poly.pdbx_seq_one_letter_code
_entity_poly.pdbx_strand_id
1 'polypeptide(L)'
;GSHMTPDIILQRTGIDVRAVEQGDDAWHKLRLGVITASEVHNVIAKPRSGKKWPDMKMSYFHTLLAEVCTGVAPEVNAKA
LAWGKQYENDARTLFEFTSGVNVTESPIIYRDESMRTACSPDGLCSDGNGLELKCPFTSRDFMKFRLGGFEAIKSAYMAQ
VQYSMWVTRKNAWYFANYDPRMKREGLHYVVIERDEKYMASFDEIVPEFIEKMDEALAEIGFVFGEQWR
;
A,B,C
2 'polydeoxyribonucleotide' (DT)(DT)(DT)(DC)(DG)(DG)(DT)(DA)(DC)(DA)(DG)(DT)(DA)(DG) D
3 'polydeoxyribonucleotide' (DA)(DG)(DC)(DT)(DA)(DC)(DT)(DG)(DT)(DA)(DC)(DC)(DG)(DA) E
#
# COMPACT_ATOMS: atom_id res chain seq x y z
N MET A 4 -11.97 -21.08 -33.91
CA MET A 4 -12.08 -19.74 -33.29
C MET A 4 -11.67 -18.64 -34.26
N THR A 5 -12.49 -17.59 -34.33
CA THR A 5 -12.37 -16.47 -35.30
C THR A 5 -13.24 -15.23 -34.90
N PRO A 6 -13.41 -14.24 -35.81
CA PRO A 6 -14.00 -12.97 -35.37
C PRO A 6 -15.53 -12.90 -35.46
N ASP A 7 -16.12 -13.73 -36.32
CA ASP A 7 -17.59 -13.84 -36.40
C ASP A 7 -18.13 -14.37 -35.09
N ILE A 8 -17.46 -15.41 -34.56
CA ILE A 8 -17.86 -16.12 -33.34
C ILE A 8 -17.86 -15.21 -32.13
N ILE A 9 -16.94 -14.25 -32.09
CA ILE A 9 -16.91 -13.34 -30.95
C ILE A 9 -18.17 -12.47 -30.94
N LEU A 10 -18.57 -11.99 -32.13
CA LEU A 10 -19.86 -11.26 -32.29
C LEU A 10 -21.05 -12.07 -31.80
N GLN A 11 -21.06 -13.36 -32.09
CA GLN A 11 -22.16 -14.25 -31.70
C GLN A 11 -22.24 -14.45 -30.22
N ARG A 12 -21.07 -14.50 -29.60
CA ARG A 12 -21.01 -14.82 -28.19
C ARG A 12 -21.05 -13.55 -27.35
N THR A 13 -20.57 -12.43 -27.88
CA THR A 13 -20.38 -11.25 -27.03
C THR A 13 -21.05 -9.98 -27.48
N GLY A 14 -21.50 -9.94 -28.73
CA GLY A 14 -21.96 -8.71 -29.32
C GLY A 14 -20.89 -7.75 -29.83
N ILE A 15 -19.62 -8.04 -29.53
CA ILE A 15 -18.49 -7.16 -29.84
C ILE A 15 -17.74 -7.55 -31.14
N ASP A 16 -17.57 -6.57 -32.02
CA ASP A 16 -16.74 -6.72 -33.21
C ASP A 16 -15.30 -6.45 -32.83
N VAL A 17 -14.47 -7.50 -32.89
CA VAL A 17 -13.07 -7.38 -32.48
C VAL A 17 -12.26 -6.39 -33.34
N ARG A 18 -12.70 -6.16 -34.58
CA ARG A 18 -11.99 -5.31 -35.55
C ARG A 18 -11.97 -3.82 -35.19
N ALA A 19 -13.06 -3.35 -34.57
CA ALA A 19 -13.16 -1.98 -34.10
C ALA A 19 -12.33 -1.71 -32.81
N VAL A 20 -11.71 -2.77 -32.26
CA VAL A 20 -11.07 -2.70 -30.95
C VAL A 20 -9.57 -2.38 -30.98
N GLU A 21 -9.14 -1.52 -30.07
CA GLU A 21 -7.71 -1.30 -29.83
C GLU A 21 -7.41 -1.10 -28.34
N GLN A 22 -6.52 -1.97 -27.84
CA GLN A 22 -5.99 -1.93 -26.47
C GLN A 22 -5.72 -0.51 -26.05
N GLY A 23 -6.33 -0.07 -24.94
CA GLY A 23 -7.31 -0.84 -24.17
C GLY A 23 -8.59 -0.03 -23.92
N ASP A 24 -9.45 0.07 -24.93
CA ASP A 24 -10.68 0.86 -24.82
C ASP A 24 -11.79 0.15 -24.03
N ASP A 25 -12.99 0.70 -24.10
CA ASP A 25 -14.16 0.14 -23.42
C ASP A 25 -14.35 -1.33 -23.76
N ALA A 26 -14.59 -1.61 -25.02
CA ALA A 26 -14.86 -2.97 -25.50
C ALA A 26 -13.71 -3.95 -25.25
N TRP A 27 -12.50 -3.40 -25.18
CA TRP A 27 -11.30 -4.13 -24.77
C TRP A 27 -11.45 -4.67 -23.36
N HIS A 28 -12.09 -3.90 -22.50
CA HIS A 28 -12.30 -4.41 -21.17
C HIS A 28 -13.42 -5.45 -21.11
N LYS A 29 -14.47 -5.24 -21.90
CA LYS A 29 -15.63 -6.14 -21.89
C LYS A 29 -15.27 -7.60 -22.25
N LEU A 30 -14.46 -7.73 -23.30
CA LEU A 30 -14.08 -8.98 -23.84
C LEU A 30 -13.29 -9.87 -22.87
N ARG A 31 -12.79 -9.25 -21.80
CA ARG A 31 -11.99 -9.89 -20.75
C ARG A 31 -12.78 -10.30 -19.49
N LEU A 32 -13.91 -9.63 -19.28
CA LEU A 32 -14.76 -9.90 -18.13
C LEU A 32 -14.96 -11.39 -17.88
N GLY A 33 -14.43 -11.87 -16.78
CA GLY A 33 -14.73 -13.24 -16.40
C GLY A 33 -13.72 -14.17 -16.99
N VAL A 34 -12.75 -13.63 -17.75
CA VAL A 34 -11.80 -14.41 -18.57
C VAL A 34 -10.50 -14.53 -17.83
N ILE A 35 -10.00 -15.76 -17.68
CA ILE A 35 -8.66 -15.99 -17.13
C ILE A 35 -7.60 -15.46 -18.10
N THR A 36 -6.83 -14.47 -17.67
CA THR A 36 -5.98 -13.71 -18.60
C THR A 36 -4.58 -13.92 -18.15
N ALA A 37 -3.63 -13.71 -19.06
CA ALA A 37 -2.23 -13.92 -18.78
C ALA A 37 -1.64 -13.02 -17.73
N SER A 38 -2.10 -11.78 -17.65
CA SER A 38 -1.57 -10.87 -16.62
C SER A 38 -1.97 -11.29 -15.18
N GLU A 39 -2.95 -12.18 -15.08
CA GLU A 39 -3.51 -12.53 -13.77
C GLU A 39 -3.35 -14.03 -13.45
N VAL A 40 -2.82 -14.76 -14.43
CA VAL A 40 -2.78 -16.22 -14.35
C VAL A 40 -1.83 -16.71 -13.28
N HIS A 41 -0.94 -15.86 -12.82
CA HIS A 41 -0.08 -16.28 -11.73
C HIS A 41 -0.90 -16.62 -10.50
N ASN A 42 -2.03 -15.91 -10.32
CA ASN A 42 -2.94 -16.23 -9.17
C ASN A 42 -3.53 -17.62 -9.33
N VAL A 43 -3.79 -18.06 -10.56
CA VAL A 43 -4.35 -19.37 -10.77
C VAL A 43 -3.35 -20.50 -10.41
N ILE A 44 -2.08 -20.35 -10.77
CA ILE A 44 -1.20 -21.49 -10.62
C ILE A 44 -0.48 -21.49 -9.27
N ALA A 45 -0.77 -20.50 -8.41
CA ALA A 45 -0.26 -20.43 -7.04
C ALA A 45 -0.76 -21.63 -6.21
N LYS A 46 0.16 -22.22 -5.45
CA LYS A 46 -0.06 -23.51 -4.76
C LYS A 46 0.42 -23.31 -3.35
N PRO A 47 -0.23 -23.97 -2.37
CA PRO A 47 0.16 -23.83 -0.94
C PRO A 47 1.51 -24.54 -0.61
N ARG A 48 2.17 -24.16 0.51
CA ARG A 48 3.49 -24.73 0.86
C ARG A 48 3.36 -26.23 1.13
N SER A 49 2.43 -26.58 2.03
CA SER A 49 1.87 -27.93 2.10
C SER A 49 0.33 -27.97 1.98
N GLY A 50 -0.17 -29.12 1.52
CA GLY A 50 -1.61 -29.36 1.44
C GLY A 50 -2.23 -29.08 0.09
N LYS A 51 -3.57 -28.96 0.05
CA LYS A 51 -4.32 -28.63 -1.18
C LYS A 51 -5.34 -27.45 -1.09
N LYS A 52 -5.32 -26.69 0.00
CA LYS A 52 -6.22 -25.54 0.07
C LYS A 52 -5.70 -24.38 -0.76
N TRP A 53 -6.55 -23.92 -1.67
CA TRP A 53 -6.23 -22.77 -2.52
C TRP A 53 -5.73 -21.63 -1.67
N PRO A 54 -4.52 -21.14 -1.95
CA PRO A 54 -3.98 -20.02 -1.19
C PRO A 54 -4.81 -18.72 -1.42
N ASP A 55 -4.74 -17.79 -0.48
CA ASP A 55 -5.48 -16.54 -0.53
C ASP A 55 -5.49 -15.80 -1.88
N MET A 56 -4.34 -15.69 -2.53
CA MET A 56 -4.22 -14.97 -3.79
C MET A 56 -5.03 -15.67 -4.91
N LYS A 57 -5.10 -16.99 -4.80
CA LYS A 57 -5.88 -17.78 -5.71
C LYS A 57 -7.37 -17.60 -5.44
N MET A 58 -7.79 -17.65 -4.19
CA MET A 58 -9.19 -17.48 -3.84
C MET A 58 -9.66 -16.06 -4.23
N SER A 59 -8.72 -15.15 -4.18
CA SER A 59 -9.05 -13.75 -4.34
C SER A 59 -9.20 -13.36 -5.83
N TYR A 60 -8.42 -13.94 -6.71
CA TYR A 60 -8.67 -13.80 -8.14
C TYR A 60 -9.96 -14.55 -8.61
N PHE A 61 -10.18 -15.75 -8.04
CA PHE A 61 -11.45 -16.46 -8.11
C PHE A 61 -12.62 -15.45 -7.93
N HIS A 62 -12.72 -14.83 -6.76
CA HIS A 62 -13.89 -14.03 -6.44
C HIS A 62 -13.94 -12.78 -7.32
N THR A 63 -12.77 -12.28 -7.68
CA THR A 63 -12.65 -11.17 -8.63
C THR A 63 -13.32 -11.45 -9.95
N LEU A 64 -12.86 -12.52 -10.60
CA LEU A 64 -13.45 -12.96 -11.87
C LEU A 64 -14.95 -13.23 -11.73
N LEU A 65 -15.34 -13.95 -10.67
CA LEU A 65 -16.73 -14.23 -10.39
C LEU A 65 -17.52 -12.92 -10.37
N ALA A 66 -16.93 -11.90 -9.78
CA ALA A 66 -17.57 -10.62 -9.58
C ALA A 66 -17.69 -9.97 -10.96
N GLU A 67 -16.73 -10.21 -11.84
CA GLU A 67 -16.81 -9.72 -13.20
C GLU A 67 -17.99 -10.33 -13.95
N VAL A 68 -18.12 -11.66 -13.84
CA VAL A 68 -19.23 -12.30 -14.51
C VAL A 68 -20.56 -11.66 -14.05
N CYS A 69 -20.68 -11.35 -12.76
CA CYS A 69 -22.00 -11.09 -12.14
C CYS A 69 -22.37 -9.59 -12.13
N THR A 70 -21.38 -8.72 -12.31
CA THR A 70 -21.58 -7.28 -12.25
C THR A 70 -21.41 -6.72 -13.63
N GLY A 71 -20.53 -7.33 -14.40
CA GLY A 71 -20.19 -6.86 -15.73
C GLY A 71 -19.27 -5.68 -15.60
N VAL A 72 -18.64 -5.47 -14.45
CA VAL A 72 -17.62 -4.42 -14.43
C VAL A 72 -16.26 -4.81 -13.86
N ALA A 73 -15.21 -4.20 -14.38
CA ALA A 73 -13.88 -4.24 -13.74
C ALA A 73 -13.62 -2.88 -13.19
N PRO A 74 -13.33 -2.79 -11.90
CA PRO A 74 -12.94 -1.47 -11.35
C PRO A 74 -11.65 -0.98 -12.05
N GLU A 75 -11.66 0.30 -12.42
CA GLU A 75 -10.53 0.94 -13.14
C GLU A 75 -9.31 0.93 -12.20
N VAL A 76 -8.24 0.23 -12.60
CA VAL A 76 -7.00 0.33 -11.82
C VAL A 76 -5.82 0.95 -12.55
N ASN A 77 -4.86 1.47 -11.75
CA ASN A 77 -3.49 1.75 -12.19
C ASN A 77 -3.38 2.87 -13.21
N ALA A 78 -4.13 3.94 -13.01
CA ALA A 78 -4.20 5.03 -13.98
C ALA A 78 -2.81 5.59 -14.37
N LYS A 79 -1.99 5.83 -13.36
CA LYS A 79 -0.66 6.39 -13.51
C LYS A 79 0.26 5.54 -14.42
N ALA A 80 0.40 4.26 -14.09
CA ALA A 80 1.26 3.38 -14.87
C ALA A 80 0.66 3.09 -16.25
N LEU A 81 -0.64 3.28 -16.41
CA LEU A 81 -1.21 2.99 -17.74
C LEU A 81 -1.15 4.21 -18.66
N ALA A 82 -1.38 5.39 -18.11
CA ALA A 82 -1.21 6.62 -18.87
C ALA A 82 0.23 6.77 -19.42
N TRP A 83 1.19 6.24 -18.67
CA TRP A 83 2.58 6.30 -19.03
C TRP A 83 2.82 5.30 -20.13
N GLY A 84 2.35 4.08 -19.93
CA GLY A 84 2.49 3.04 -20.95
C GLY A 84 1.83 3.46 -22.28
N LYS A 85 0.70 4.18 -22.21
CA LYS A 85 -0.03 4.62 -23.42
C LYS A 85 0.67 5.79 -24.13
N GLN A 86 1.40 6.60 -23.38
CA GLN A 86 2.13 7.70 -23.95
C GLN A 86 3.36 7.24 -24.72
N TYR A 87 3.89 6.08 -24.35
CA TYR A 87 5.14 5.58 -24.91
C TYR A 87 5.00 4.34 -25.79
N GLU A 88 3.85 3.70 -25.76
CA GLU A 88 3.74 2.43 -26.45
C GLU A 88 4.10 2.52 -27.93
N ASN A 89 3.77 3.65 -28.59
CA ASN A 89 4.05 3.79 -30.03
C ASN A 89 5.55 3.92 -30.31
N ASP A 90 6.27 4.77 -29.56
CA ASP A 90 7.74 4.76 -29.62
C ASP A 90 8.37 3.42 -29.28
N ALA A 91 7.85 2.74 -28.26
CA ALA A 91 8.41 1.44 -27.90
C ALA A 91 8.22 0.44 -29.04
N ARG A 92 6.99 0.34 -29.58
CA ARG A 92 6.74 -0.50 -30.77
C ARG A 92 7.68 -0.08 -31.90
N THR A 93 7.65 1.20 -32.27
CA THR A 93 8.48 1.75 -33.35
C THR A 93 9.90 1.29 -33.12
N LEU A 94 10.40 1.55 -31.91
CA LEU A 94 11.80 1.30 -31.59
C LEU A 94 12.17 -0.17 -31.58
N PHE A 95 11.25 -1.02 -31.14
CA PHE A 95 11.41 -2.47 -31.23
C PHE A 95 11.47 -2.93 -32.70
N GLU A 96 10.68 -2.28 -33.54
CA GLU A 96 10.63 -2.63 -34.96
C GLU A 96 11.87 -2.18 -35.75
N PHE A 97 12.39 -0.98 -35.47
CA PHE A 97 13.65 -0.57 -36.07
C PHE A 97 14.76 -1.57 -35.67
N THR A 98 14.69 -2.08 -34.43
CA THR A 98 15.82 -2.73 -33.76
C THR A 98 15.82 -4.20 -34.01
N SER A 99 14.62 -4.76 -34.09
CA SER A 99 14.49 -6.19 -34.34
C SER A 99 14.38 -6.42 -35.85
N GLY A 100 13.94 -5.38 -36.57
CA GLY A 100 13.66 -5.47 -38.02
C GLY A 100 12.28 -6.07 -38.34
N VAL A 101 11.74 -6.81 -37.36
CA VAL A 101 10.47 -7.51 -37.38
C VAL A 101 9.29 -6.55 -37.46
N ASN A 102 8.31 -6.88 -38.30
CA ASN A 102 7.04 -6.16 -38.31
C ASN A 102 6.11 -6.62 -37.16
N VAL A 103 5.49 -5.65 -36.48
CA VAL A 103 4.55 -5.98 -35.41
C VAL A 103 3.11 -5.54 -35.72
N THR A 104 2.24 -6.53 -35.83
CA THR A 104 0.82 -6.27 -35.93
C THR A 104 0.25 -6.31 -34.52
N GLU A 105 -0.62 -5.35 -34.20
CA GLU A 105 -1.35 -5.38 -32.93
C GLU A 105 -2.41 -6.50 -32.88
N SER A 106 -2.76 -6.90 -31.66
CA SER A 106 -3.75 -7.93 -31.43
C SER A 106 -4.61 -7.48 -30.23
N PRO A 107 -5.95 -7.44 -30.39
CA PRO A 107 -6.71 -6.95 -29.22
C PRO A 107 -6.90 -7.99 -28.11
N ILE A 108 -7.36 -9.20 -28.51
CA ILE A 108 -7.55 -10.34 -27.63
C ILE A 108 -7.46 -11.62 -28.49
N ILE A 109 -6.89 -12.69 -27.93
CA ILE A 109 -6.91 -14.01 -28.52
C ILE A 109 -7.43 -14.92 -27.43
N TYR A 110 -8.57 -15.56 -27.66
CA TYR A 110 -9.06 -16.61 -26.77
C TYR A 110 -8.35 -17.90 -27.14
N ARG A 111 -8.17 -18.80 -26.17
CA ARG A 111 -7.60 -20.12 -26.48
C ARG A 111 -8.53 -21.06 -27.26
N ASP A 112 -9.83 -21.08 -26.91
CA ASP A 112 -10.77 -22.00 -27.55
C ASP A 112 -12.20 -21.47 -27.56
N GLU A 113 -13.11 -22.20 -28.21
CA GLU A 113 -14.58 -21.90 -28.24
C GLU A 113 -15.21 -21.55 -26.90
N SER A 114 -14.76 -22.15 -25.80
CA SER A 114 -15.28 -21.89 -24.41
C SER A 114 -15.05 -20.47 -23.93
N MET A 115 -13.95 -19.88 -24.40
CA MET A 115 -13.70 -18.44 -24.24
C MET A 115 -13.44 -18.12 -22.82
N ARG A 116 -13.02 -19.13 -22.04
CA ARG A 116 -12.67 -18.99 -20.62
C ARG A 116 -11.25 -18.42 -20.35
N THR A 117 -10.40 -18.48 -21.38
CA THR A 117 -8.99 -18.29 -21.28
C THR A 117 -8.52 -17.42 -22.46
N ALA A 118 -7.60 -16.49 -22.22
CA ALA A 118 -7.20 -15.55 -23.23
C ALA A 118 -5.98 -14.72 -22.87
N CYS A 119 -5.25 -14.25 -23.88
CA CYS A 119 -4.28 -13.19 -23.65
C CYS A 119 -4.50 -11.97 -24.54
N SER A 120 -3.92 -10.85 -24.14
CA SER A 120 -3.99 -9.64 -24.95
C SER A 120 -2.58 -9.07 -25.11
N PRO A 121 -1.80 -9.70 -26.01
CA PRO A 121 -0.41 -9.38 -26.30
C PRO A 121 -0.22 -7.94 -26.81
N ASP A 122 0.99 -7.43 -26.63
CA ASP A 122 1.31 -6.09 -27.15
C ASP A 122 1.54 -6.12 -28.65
N GLY A 123 1.67 -7.32 -29.18
CA GLY A 123 1.65 -7.51 -30.59
C GLY A 123 2.03 -8.88 -31.02
N LEU A 124 1.85 -9.14 -32.31
CA LEU A 124 2.32 -10.38 -32.98
C LEU A 124 3.38 -10.00 -33.97
N CYS A 125 4.46 -10.77 -33.99
CA CYS A 125 5.61 -10.49 -34.81
C CYS A 125 5.69 -11.30 -36.12
N SER A 126 6.09 -10.59 -37.18
CA SER A 126 6.25 -11.19 -38.51
C SER A 126 7.01 -12.50 -38.49
N ASP A 127 7.87 -12.73 -37.50
CA ASP A 127 8.56 -14.04 -37.43
C ASP A 127 7.90 -15.17 -36.59
N GLY A 128 6.62 -15.04 -36.27
CA GLY A 128 5.90 -16.07 -35.49
C GLY A 128 5.85 -15.95 -33.96
N ASN A 129 6.53 -14.95 -33.41
CA ASN A 129 6.52 -14.71 -31.95
C ASN A 129 5.50 -13.68 -31.53
N GLY A 130 5.17 -13.72 -30.26
CA GLY A 130 4.34 -12.70 -29.65
C GLY A 130 5.24 -11.72 -28.94
N LEU A 131 4.64 -10.62 -28.52
CA LEU A 131 5.32 -9.51 -27.90
C LEU A 131 4.63 -9.04 -26.61
N GLU A 132 5.43 -9.00 -25.55
CA GLU A 132 5.18 -8.28 -24.32
C GLU A 132 6.18 -7.14 -24.30
N LEU A 133 5.68 -5.92 -24.45
CA LEU A 133 6.50 -4.72 -24.48
C LEU A 133 6.04 -3.75 -23.38
N LYS A 134 6.80 -3.71 -22.29
CA LYS A 134 6.47 -2.88 -21.13
C LYS A 134 7.24 -1.56 -21.12
N CYS A 135 6.54 -0.50 -20.76
CA CYS A 135 7.18 0.74 -20.35
C CYS A 135 7.03 0.83 -18.84
N PRO A 136 7.93 0.19 -18.10
CA PRO A 136 7.72 0.17 -16.62
C PRO A 136 7.62 1.58 -16.05
N PHE A 137 6.84 1.76 -15.01
CA PHE A 137 6.66 3.11 -14.46
C PHE A 137 7.96 3.64 -13.91
N THR A 138 8.70 2.76 -13.20
CA THR A 138 9.97 3.13 -12.62
C THR A 138 11.24 2.68 -13.42
N SER A 139 12.19 3.58 -13.58
CA SER A 139 13.44 3.21 -14.26
C SER A 139 14.18 2.17 -13.45
N ARG A 140 13.81 2.06 -12.20
CA ARG A 140 14.32 1.01 -11.31
C ARG A 140 14.04 -0.36 -11.92
N ASP A 141 12.81 -0.56 -12.43
CA ASP A 141 12.45 -1.84 -12.96
C ASP A 141 13.15 -2.05 -14.31
N PHE A 142 13.26 -1.00 -15.13
CA PHE A 142 13.95 -1.17 -16.38
C PHE A 142 15.31 -1.77 -16.05
N MET A 143 15.97 -1.18 -15.06
CA MET A 143 17.37 -1.45 -14.74
C MET A 143 17.51 -2.86 -14.25
N LYS A 144 16.57 -3.28 -13.43
CA LYS A 144 16.58 -4.61 -12.88
C LYS A 144 16.66 -5.66 -14.02
N PHE A 145 15.87 -5.45 -15.06
CA PHE A 145 15.81 -6.42 -16.12
C PHE A 145 17.01 -6.26 -17.06
N ARG A 146 17.44 -5.03 -17.31
CA ARG A 146 18.61 -4.78 -18.11
C ARG A 146 19.94 -5.46 -17.66
N LEU A 147 20.02 -5.85 -16.39
CA LEU A 147 21.26 -6.34 -15.83
C LEU A 147 21.14 -7.82 -15.52
N GLY A 148 20.04 -8.21 -14.91
CA GLY A 148 19.86 -9.61 -14.49
C GLY A 148 19.36 -10.45 -15.65
N GLY A 149 18.68 -9.82 -16.59
CA GLY A 149 18.10 -10.50 -17.75
C GLY A 149 17.05 -11.51 -17.37
N PHE A 150 16.85 -12.49 -18.25
CA PHE A 150 16.09 -13.70 -17.92
C PHE A 150 15.85 -13.92 -16.40
N GLU A 151 16.88 -14.21 -15.61
CA GLU A 151 16.61 -14.53 -14.19
C GLU A 151 15.98 -13.39 -13.36
N ALA A 152 16.08 -12.16 -13.84
CA ALA A 152 15.52 -11.01 -13.14
C ALA A 152 14.01 -11.02 -13.17
N ILE A 153 13.44 -11.20 -14.37
CA ILE A 153 11.99 -11.35 -14.64
C ILE A 153 11.01 -11.71 -13.51
N LYS A 154 10.10 -10.78 -13.23
CA LYS A 154 9.01 -11.00 -12.28
C LYS A 154 8.41 -12.39 -12.50
N SER A 155 8.54 -13.24 -11.49
CA SER A 155 7.85 -14.51 -11.41
C SER A 155 6.44 -14.47 -12.04
N ALA A 156 5.70 -13.39 -11.76
CA ALA A 156 4.34 -13.21 -12.35
C ALA A 156 4.38 -12.99 -13.87
N TYR A 157 5.50 -12.40 -14.31
CA TYR A 157 5.81 -12.23 -15.75
C TYR A 157 6.11 -13.55 -16.47
N MET A 158 6.96 -14.41 -15.93
CA MET A 158 7.21 -15.70 -16.59
C MET A 158 5.89 -16.44 -16.84
N ALA A 159 5.06 -16.47 -15.81
CA ALA A 159 3.74 -17.09 -15.92
C ALA A 159 2.92 -16.44 -17.03
N GLN A 160 2.93 -15.11 -17.10
CA GLN A 160 2.12 -14.42 -18.12
C GLN A 160 2.58 -14.80 -19.56
N VAL A 161 3.89 -14.88 -19.73
CA VAL A 161 4.54 -15.21 -20.99
C VAL A 161 4.17 -16.62 -21.44
N GLN A 162 4.49 -17.61 -20.61
CA GLN A 162 4.20 -19.00 -20.91
C GLN A 162 2.76 -19.19 -21.31
N TYR A 163 1.88 -18.66 -20.46
CA TYR A 163 0.43 -18.72 -20.60
C TYR A 163 0.03 -18.09 -21.92
N SER A 164 0.74 -17.05 -22.36
CA SER A 164 0.40 -16.48 -23.66
C SER A 164 0.70 -17.51 -24.80
N MET A 165 1.73 -18.33 -24.62
CA MET A 165 2.06 -19.40 -25.55
C MET A 165 1.05 -20.57 -25.39
N TRP A 166 0.70 -20.96 -24.17
CA TRP A 166 -0.45 -21.83 -23.95
C TRP A 166 -1.71 -21.38 -24.70
N VAL A 167 -2.10 -20.12 -24.52
CA VAL A 167 -3.28 -19.64 -25.24
C VAL A 167 -3.14 -19.60 -26.77
N THR A 168 -2.00 -19.13 -27.28
CA THR A 168 -1.86 -18.88 -28.72
C THR A 168 -1.27 -20.08 -29.50
N ARG A 169 -0.86 -21.11 -28.75
CA ARG A 169 -0.21 -22.32 -29.24
C ARG A 169 1.23 -22.08 -29.69
N LYS A 170 1.59 -20.80 -29.85
CA LYS A 170 2.92 -20.39 -30.29
C LYS A 170 4.11 -20.97 -29.49
N ASN A 171 5.30 -20.90 -30.09
CA ASN A 171 6.49 -21.61 -29.57
C ASN A 171 7.53 -20.69 -28.87
N ALA A 172 7.47 -19.38 -29.14
CA ALA A 172 8.40 -18.37 -28.56
C ALA A 172 7.81 -16.94 -28.43
N TRP A 173 8.43 -16.10 -27.61
CA TRP A 173 7.84 -14.79 -27.25
C TRP A 173 8.92 -13.76 -26.93
N TYR A 174 8.85 -12.59 -27.54
CA TYR A 174 9.67 -11.49 -27.11
C TYR A 174 9.19 -10.94 -25.73
N PHE A 175 10.09 -10.76 -24.78
CA PHE A 175 9.79 -9.99 -23.59
C PHE A 175 10.72 -8.81 -23.58
N ALA A 176 10.17 -7.60 -23.74
CA ALA A 176 10.92 -6.39 -23.89
C ALA A 176 10.52 -5.29 -22.86
N ASN A 177 11.49 -4.50 -22.39
CA ASN A 177 11.26 -3.27 -21.60
C ASN A 177 11.76 -2.05 -22.36
N TYR A 178 10.97 -0.96 -22.34
CA TYR A 178 11.38 0.32 -22.88
C TYR A 178 11.33 1.38 -21.83
N ASP A 179 12.38 2.21 -21.80
CA ASP A 179 12.48 3.33 -20.89
C ASP A 179 12.98 4.58 -21.60
N PRO A 180 12.07 5.50 -21.87
CA PRO A 180 12.42 6.69 -22.67
C PRO A 180 13.42 7.55 -21.92
N ARG A 181 13.48 7.41 -20.58
CA ARG A 181 14.37 8.20 -19.73
C ARG A 181 15.86 7.85 -19.80
N MET A 182 16.18 6.61 -20.15
CA MET A 182 17.58 6.18 -20.20
C MET A 182 18.26 7.02 -21.26
N LYS A 183 19.43 7.57 -20.94
CA LYS A 183 20.10 8.51 -21.88
C LYS A 183 20.47 7.84 -23.21
N ARG A 184 20.65 6.53 -23.17
CA ARG A 184 20.94 5.78 -24.35
C ARG A 184 20.70 4.30 -23.97
N GLU A 185 20.40 3.47 -24.97
CA GLU A 185 20.11 2.03 -24.76
C GLU A 185 18.94 1.71 -23.82
N GLY A 186 17.81 2.36 -24.08
CA GLY A 186 16.58 2.21 -23.30
C GLY A 186 15.57 1.18 -23.80
N LEU A 187 15.98 0.33 -24.75
CA LEU A 187 15.22 -0.87 -25.09
C LEU A 187 16.10 -2.04 -24.82
N HIS A 188 15.62 -2.94 -24.00
CA HIS A 188 16.20 -4.23 -23.75
C HIS A 188 15.10 -5.25 -24.06
N TYR A 189 15.52 -6.41 -24.58
CA TYR A 189 14.59 -7.51 -24.94
C TYR A 189 15.22 -8.90 -24.96
N VAL A 190 14.52 -9.88 -24.40
CA VAL A 190 14.95 -11.30 -24.53
C VAL A 190 13.88 -12.06 -25.27
N VAL A 191 14.15 -13.34 -25.55
CA VAL A 191 13.25 -14.25 -26.27
C VAL A 191 13.04 -15.41 -25.35
N ILE A 192 11.77 -15.66 -25.05
CA ILE A 192 11.42 -16.73 -24.18
C ILE A 192 10.86 -17.92 -24.98
N GLU A 193 11.43 -19.09 -24.64
CA GLU A 193 11.07 -20.39 -25.15
C GLU A 193 9.90 -20.94 -24.37
N ARG A 194 8.90 -21.45 -25.12
CA ARG A 194 7.81 -22.27 -24.60
C ARG A 194 8.32 -23.40 -23.69
N ASP A 195 7.86 -23.46 -22.44
CA ASP A 195 8.25 -24.48 -21.47
C ASP A 195 7.10 -25.44 -21.20
N GLU A 196 7.35 -26.73 -21.49
CA GLU A 196 6.31 -27.76 -21.40
C GLU A 196 5.90 -28.02 -19.97
N LYS A 197 6.78 -27.72 -19.02
CA LYS A 197 6.41 -27.80 -17.59
C LYS A 197 5.28 -26.83 -17.17
N TYR A 198 5.31 -25.60 -17.71
CA TYR A 198 4.21 -24.65 -17.58
C TYR A 198 2.97 -25.13 -18.34
N MET A 199 3.15 -25.53 -19.60
CA MET A 199 2.03 -26.01 -20.39
C MET A 199 1.24 -27.11 -19.67
N ALA A 200 1.92 -27.95 -18.92
CA ALA A 200 1.27 -29.10 -18.28
C ALA A 200 0.54 -28.61 -17.01
N SER A 201 1.14 -27.58 -16.40
CA SER A 201 0.57 -26.93 -15.26
C SER A 201 -0.77 -26.33 -15.68
N PHE A 202 -0.74 -25.63 -16.80
CA PHE A 202 -1.96 -25.03 -17.24
C PHE A 202 -2.97 -26.11 -17.55
N ASP A 203 -2.56 -27.16 -18.28
CA ASP A 203 -3.48 -28.26 -18.57
C ASP A 203 -4.11 -28.95 -17.34
N GLU A 204 -3.45 -28.91 -16.19
CA GLU A 204 -4.06 -29.46 -14.99
C GLU A 204 -4.94 -28.47 -14.20
N ILE A 205 -4.39 -27.30 -13.91
CA ILE A 205 -4.98 -26.38 -12.92
C ILE A 205 -6.07 -25.50 -13.51
N VAL A 206 -5.93 -25.15 -14.78
CA VAL A 206 -6.87 -24.21 -15.39
C VAL A 206 -8.30 -24.77 -15.57
N PRO A 207 -8.44 -25.99 -16.14
CA PRO A 207 -9.79 -26.66 -16.23
C PRO A 207 -10.56 -26.75 -14.92
N GLU A 208 -9.84 -27.00 -13.85
CA GLU A 208 -10.40 -27.20 -12.53
C GLU A 208 -10.78 -25.87 -11.89
N PHE A 209 -9.98 -24.84 -12.15
CA PHE A 209 -10.32 -23.47 -11.78
C PHE A 209 -11.60 -23.10 -12.52
N ILE A 210 -11.70 -23.42 -13.80
CA ILE A 210 -12.93 -23.14 -14.54
C ILE A 210 -14.16 -23.84 -14.00
N GLU A 211 -14.02 -25.11 -13.61
CA GLU A 211 -15.16 -25.90 -13.16
C GLU A 211 -15.64 -25.31 -11.87
N LYS A 212 -14.68 -24.93 -11.02
CA LYS A 212 -14.97 -24.37 -9.73
C LYS A 212 -15.66 -23.03 -9.87
N MET A 213 -15.24 -22.20 -10.82
CA MET A 213 -16.01 -20.96 -11.03
C MET A 213 -17.40 -21.38 -11.44
N ASP A 214 -17.53 -22.42 -12.28
CA ASP A 214 -18.87 -22.78 -12.74
C ASP A 214 -19.80 -23.25 -11.65
N GLU A 215 -19.31 -23.97 -10.67
CA GLU A 215 -20.15 -24.35 -9.53
C GLU A 215 -20.60 -23.14 -8.74
N ALA A 216 -19.69 -22.21 -8.51
CA ALA A 216 -19.99 -21.06 -7.68
C ALA A 216 -21.04 -20.13 -8.32
N LEU A 217 -20.94 -19.92 -9.63
CA LEU A 217 -21.96 -19.20 -10.34
C LEU A 217 -23.29 -19.96 -10.26
N ALA A 218 -23.25 -21.29 -10.26
CA ALA A 218 -24.53 -22.02 -10.19
C ALA A 218 -25.06 -21.90 -8.78
N GLU A 219 -24.17 -21.75 -7.79
CA GLU A 219 -24.70 -21.61 -6.41
C GLU A 219 -25.55 -20.39 -6.27
N ILE A 220 -25.24 -19.37 -7.06
CA ILE A 220 -25.92 -18.07 -6.94
C ILE A 220 -26.85 -17.76 -8.10
N GLY A 221 -27.00 -18.72 -9.01
CA GLY A 221 -27.98 -18.60 -10.11
C GLY A 221 -27.49 -17.70 -11.24
N PHE A 222 -26.16 -17.75 -11.47
CA PHE A 222 -25.55 -17.01 -12.54
C PHE A 222 -24.93 -18.00 -13.50
N VAL A 223 -24.65 -17.56 -14.72
CA VAL A 223 -24.03 -18.44 -15.68
C VAL A 223 -22.96 -17.68 -16.49
N PHE A 224 -21.82 -18.34 -16.71
CA PHE A 224 -20.75 -17.66 -17.45
C PHE A 224 -21.31 -17.19 -18.76
N GLY A 225 -20.97 -15.96 -19.13
CA GLY A 225 -21.42 -15.37 -20.39
C GLY A 225 -22.49 -14.32 -20.18
N GLU A 226 -23.12 -14.34 -19.02
CA GLU A 226 -24.06 -13.28 -18.64
C GLU A 226 -23.44 -11.87 -18.73
N GLN A 227 -22.13 -11.74 -18.54
CA GLN A 227 -21.51 -10.42 -18.61
C GLN A 227 -21.56 -9.76 -20.01
N TRP A 228 -21.74 -10.57 -21.04
CA TRP A 228 -21.84 -10.08 -22.38
C TRP A 228 -23.29 -9.84 -22.90
N ARG A 229 -24.31 -10.24 -22.11
CA ARG A 229 -25.69 -10.19 -22.54
C ARG A 229 -26.23 -8.76 -22.55
N MET B 4 36.33 18.58 1.73
CA MET B 4 35.39 19.11 0.67
C MET B 4 35.14 20.62 0.76
N THR B 5 34.95 21.24 -0.42
CA THR B 5 34.62 22.66 -0.53
C THR B 5 33.30 22.83 -1.26
N PRO B 6 32.69 24.04 -1.17
CA PRO B 6 31.67 24.42 -2.15
C PRO B 6 32.25 24.40 -3.56
N ASP B 7 33.55 24.65 -3.65
CA ASP B 7 34.30 24.80 -4.90
C ASP B 7 34.50 23.45 -5.63
N ILE B 8 34.99 22.44 -4.91
CA ILE B 8 35.11 21.09 -5.47
C ILE B 8 33.78 20.60 -6.04
N ILE B 9 32.65 20.99 -5.44
CA ILE B 9 31.34 20.60 -5.96
C ILE B 9 31.01 21.30 -7.28
N LEU B 10 31.57 22.48 -7.49
CA LEU B 10 31.45 23.11 -8.80
C LEU B 10 32.25 22.37 -9.89
N GLN B 11 33.42 21.81 -9.56
CA GLN B 11 34.17 21.18 -10.66
C GLN B 11 33.59 19.87 -11.17
N ARG B 12 32.88 19.13 -10.31
CA ARG B 12 32.26 17.85 -10.71
C ARG B 12 30.82 17.96 -11.25
N THR B 13 30.11 19.02 -10.89
CA THR B 13 28.66 19.11 -11.15
C THR B 13 28.22 20.43 -11.78
N GLY B 14 29.05 21.45 -11.65
CA GLY B 14 28.73 22.77 -12.16
C GLY B 14 27.40 23.21 -11.58
N ILE B 15 27.31 23.18 -10.25
CA ILE B 15 26.23 23.73 -9.45
C ILE B 15 26.88 24.41 -8.26
N ASP B 16 26.45 25.63 -7.92
CA ASP B 16 26.90 26.24 -6.69
C ASP B 16 26.04 25.82 -5.51
N VAL B 17 26.68 25.25 -4.50
CA VAL B 17 26.08 24.55 -3.37
C VAL B 17 25.52 25.46 -2.29
N ARG B 18 25.73 26.77 -2.45
CA ARG B 18 25.32 27.73 -1.43
C ARG B 18 24.04 28.39 -1.88
N ALA B 19 23.84 28.44 -3.19
CA ALA B 19 22.62 29.00 -3.78
C ALA B 19 21.50 27.96 -3.85
N VAL B 20 21.43 27.11 -2.83
CA VAL B 20 20.78 25.81 -2.95
C VAL B 20 19.85 25.53 -1.78
N GLU B 21 18.58 25.32 -2.10
CA GLU B 21 17.57 25.00 -1.10
C GLU B 21 17.32 23.50 -1.06
N GLN B 22 17.21 22.98 0.15
CA GLN B 22 16.93 21.55 0.30
C GLN B 22 15.50 21.26 -0.17
N GLY B 23 15.37 20.73 -1.39
CA GLY B 23 14.09 20.32 -1.96
C GLY B 23 13.89 20.77 -3.39
N ASP B 24 14.79 21.63 -3.88
CA ASP B 24 14.67 22.19 -5.23
C ASP B 24 15.57 21.47 -6.26
N ASP B 25 15.56 21.98 -7.50
CA ASP B 25 16.02 21.23 -8.67
C ASP B 25 17.47 20.84 -8.52
N ALA B 26 18.25 21.83 -8.10
CA ALA B 26 19.66 21.69 -7.85
C ALA B 26 19.92 20.62 -6.77
N TRP B 27 19.12 20.62 -5.70
CA TRP B 27 19.27 19.70 -4.57
C TRP B 27 19.01 18.28 -5.03
N HIS B 28 17.96 18.10 -5.83
CA HIS B 28 17.71 16.81 -6.41
C HIS B 28 18.88 16.31 -7.26
N LYS B 29 19.39 17.15 -8.13
CA LYS B 29 20.46 16.79 -9.03
C LYS B 29 21.74 16.31 -8.28
N LEU B 30 22.02 16.98 -7.15
CA LEU B 30 23.22 16.70 -6.39
C LEU B 30 23.21 15.34 -5.70
N ARG B 31 22.03 14.76 -5.54
CA ARG B 31 21.86 13.51 -4.84
C ARG B 31 21.81 12.35 -5.82
N LEU B 32 21.80 12.69 -7.09
CA LEU B 32 21.64 11.66 -8.09
C LEU B 32 22.72 10.57 -7.95
N GLY B 33 22.24 9.36 -7.70
CA GLY B 33 23.07 8.19 -7.65
C GLY B 33 24.02 8.19 -6.48
N VAL B 34 23.76 9.03 -5.50
CA VAL B 34 24.54 9.14 -4.31
C VAL B 34 23.86 8.38 -3.22
N ILE B 35 24.61 7.60 -2.44
CA ILE B 35 24.06 6.94 -1.27
C ILE B 35 23.79 7.93 -0.14
N THR B 36 22.54 8.05 0.29
CA THR B 36 22.15 9.12 1.22
C THR B 36 21.59 8.58 2.50
N ALA B 37 21.57 9.43 3.51
CA ALA B 37 21.31 9.00 4.85
C ALA B 37 19.94 8.42 4.99
N SER B 38 18.90 9.04 4.40
CA SER B 38 17.53 8.47 4.56
C SER B 38 17.35 7.14 3.83
N GLU B 39 18.30 6.74 2.99
CA GLU B 39 18.08 5.50 2.19
C GLU B 39 19.02 4.38 2.59
N VAL B 40 19.99 4.75 3.42
CA VAL B 40 21.09 3.87 3.71
C VAL B 40 20.65 2.59 4.43
N HIS B 41 19.53 2.66 5.17
CA HIS B 41 18.98 1.45 5.72
C HIS B 41 18.96 0.32 4.68
N ASN B 42 18.62 0.60 3.43
CA ASN B 42 18.60 -0.46 2.41
C ASN B 42 19.98 -1.11 2.11
N VAL B 43 21.07 -0.34 2.25
CA VAL B 43 22.43 -0.85 2.09
C VAL B 43 22.84 -1.80 3.22
N ILE B 44 22.54 -1.45 4.47
CA ILE B 44 22.93 -2.29 5.62
C ILE B 44 21.93 -3.44 5.88
N ALA B 45 20.81 -3.41 5.19
CA ALA B 45 19.87 -4.53 5.25
C ALA B 45 20.52 -5.85 4.82
N LYS B 46 20.24 -6.89 5.59
CA LYS B 46 20.90 -8.18 5.51
C LYS B 46 19.75 -9.19 5.35
N PRO B 47 20.01 -10.38 4.74
CA PRO B 47 18.97 -11.42 4.68
C PRO B 47 18.84 -12.17 6.00
N ARG B 48 17.68 -12.79 6.24
CA ARG B 48 17.49 -13.65 7.42
C ARG B 48 18.63 -14.71 7.51
N SER B 49 18.92 -15.34 6.36
CA SER B 49 20.13 -16.17 6.23
C SER B 49 20.77 -16.08 4.84
N GLY B 50 22.03 -16.52 4.73
CA GLY B 50 22.70 -16.54 3.44
C GLY B 50 23.42 -15.23 3.18
N LYS B 51 24.04 -15.13 2.01
CA LYS B 51 24.78 -13.91 1.63
C LYS B 51 24.07 -13.09 0.52
N LYS B 52 22.79 -13.41 0.26
CA LYS B 52 22.08 -12.87 -0.89
C LYS B 52 21.33 -11.57 -0.51
N TRP B 53 21.57 -10.53 -1.29
CA TRP B 53 20.93 -9.27 -1.04
C TRP B 53 19.40 -9.41 -0.92
N PRO B 54 18.84 -8.96 0.20
CA PRO B 54 17.36 -8.84 0.27
C PRO B 54 16.87 -7.91 -0.84
N ASP B 55 15.57 -7.85 -1.04
CA ASP B 55 15.03 -7.25 -2.24
C ASP B 55 15.04 -5.74 -2.12
N MET B 56 14.83 -5.26 -0.89
CA MET B 56 14.78 -3.83 -0.63
C MET B 56 16.16 -3.23 -0.93
N LYS B 57 17.21 -4.04 -0.83
CA LYS B 57 18.60 -3.57 -1.02
C LYS B 57 18.98 -3.62 -2.49
N MET B 58 18.41 -4.59 -3.19
CA MET B 58 18.55 -4.71 -4.60
C MET B 58 17.76 -3.60 -5.28
N SER B 59 16.57 -3.27 -4.75
CA SER B 59 15.75 -2.19 -5.33
C SER B 59 16.47 -0.87 -5.16
N TYR B 60 17.12 -0.66 -4.01
CA TYR B 60 17.89 0.57 -3.86
C TYR B 60 19.09 0.58 -4.77
N PHE B 61 19.78 -0.54 -4.83
CA PHE B 61 20.85 -0.73 -5.85
C PHE B 61 20.40 -0.28 -7.24
N HIS B 62 19.32 -0.87 -7.72
CA HIS B 62 18.77 -0.61 -9.06
C HIS B 62 18.19 0.81 -9.24
N THR B 63 17.66 1.39 -8.17
CA THR B 63 17.20 2.78 -8.16
C THR B 63 18.38 3.77 -8.29
N LEU B 64 19.46 3.53 -7.55
CA LEU B 64 20.63 4.38 -7.75
C LEU B 64 21.26 4.24 -9.15
N LEU B 65 21.37 3.00 -9.65
CA LEU B 65 21.91 2.81 -10.99
C LEU B 65 21.07 3.55 -12.04
N ALA B 66 19.75 3.53 -11.88
CA ALA B 66 18.84 4.23 -12.79
C ALA B 66 19.01 5.73 -12.68
N GLU B 67 19.31 6.23 -11.49
CA GLU B 67 19.60 7.65 -11.37
C GLU B 67 20.85 8.00 -12.12
N VAL B 68 21.90 7.20 -12.03
CA VAL B 68 23.06 7.48 -12.90
C VAL B 68 22.76 7.49 -14.41
N CYS B 69 21.97 6.56 -14.90
CA CYS B 69 21.85 6.37 -16.35
C CYS B 69 20.70 7.18 -16.97
N THR B 70 19.76 7.68 -16.16
CA THR B 70 18.67 8.49 -16.65
C THR B 70 18.94 9.97 -16.37
N GLY B 71 19.80 10.24 -15.41
CA GLY B 71 20.06 11.61 -15.04
C GLY B 71 18.88 12.22 -14.34
N VAL B 72 17.83 11.45 -14.04
CA VAL B 72 16.70 12.01 -13.28
C VAL B 72 16.24 11.19 -12.12
N ALA B 73 15.38 11.82 -11.33
CA ALA B 73 14.80 11.15 -10.18
C ALA B 73 13.33 11.41 -10.23
N PRO B 74 12.53 10.36 -10.12
CA PRO B 74 11.08 10.53 -10.15
C PRO B 74 10.60 11.38 -8.96
N GLU B 75 9.60 12.21 -9.23
CA GLU B 75 9.03 13.14 -8.30
C GLU B 75 7.89 12.37 -7.67
N VAL B 76 7.91 12.22 -6.35
CA VAL B 76 6.77 11.57 -5.66
C VAL B 76 6.07 12.51 -4.70
N ASN B 77 4.78 12.25 -4.51
CA ASN B 77 3.91 13.14 -3.75
C ASN B 77 2.89 12.42 -2.89
N ALA B 78 2.76 12.91 -1.67
CA ALA B 78 1.79 12.39 -0.74
C ALA B 78 1.69 13.32 0.45
N LYS B 79 0.49 13.29 1.02
CA LYS B 79 0.11 14.09 2.19
C LYS B 79 1.14 13.95 3.32
N ALA B 80 1.44 12.70 3.67
CA ALA B 80 2.47 12.39 4.66
C ALA B 80 3.82 13.07 4.32
N LEU B 81 4.12 13.19 3.04
CA LEU B 81 5.37 13.83 2.63
C LEU B 81 5.23 15.34 2.65
N ALA B 82 4.11 15.82 2.12
CA ALA B 82 3.88 17.29 2.10
C ALA B 82 3.75 17.89 3.53
N TRP B 83 3.14 17.13 4.45
CA TRP B 83 3.08 17.47 5.88
C TRP B 83 4.46 17.71 6.50
N GLY B 84 5.29 16.66 6.45
CA GLY B 84 6.69 16.70 6.87
C GLY B 84 7.49 17.89 6.34
N LYS B 85 7.27 18.26 5.08
CA LYS B 85 7.92 19.43 4.46
C LYS B 85 7.31 20.76 4.95
N GLN B 86 6.04 20.74 5.33
CA GLN B 86 5.34 21.95 5.74
C GLN B 86 5.78 22.45 7.12
N TYR B 87 6.13 21.51 8.00
CA TYR B 87 6.28 21.87 9.41
C TYR B 87 7.74 21.93 9.89
N GLU B 88 8.61 21.24 9.17
CA GLU B 88 10.03 21.23 9.46
C GLU B 88 10.64 22.55 10.02
N ASN B 89 10.36 23.69 9.40
CA ASN B 89 10.82 24.99 9.91
C ASN B 89 10.42 25.27 11.33
N ASP B 90 9.14 25.11 11.63
CA ASP B 90 8.63 25.33 12.99
C ASP B 90 9.19 24.32 13.97
N ALA B 91 9.36 23.09 13.50
CA ALA B 91 9.95 22.09 14.34
C ALA B 91 11.29 22.65 14.79
N ARG B 92 12.06 23.14 13.80
CA ARG B 92 13.42 23.60 14.02
C ARG B 92 13.39 24.78 14.99
N THR B 93 12.48 25.73 14.76
CA THR B 93 12.37 26.92 15.61
C THR B 93 12.01 26.54 17.07
N LEU B 94 10.99 25.68 17.24
CA LEU B 94 10.62 25.22 18.58
C LEU B 94 11.82 24.49 19.23
N PHE B 95 12.51 23.63 18.47
CA PHE B 95 13.65 22.89 19.03
C PHE B 95 14.79 23.84 19.48
N GLU B 96 15.03 24.90 18.70
CA GLU B 96 15.94 25.98 19.10
C GLU B 96 15.53 26.60 20.44
N PHE B 97 14.25 26.90 20.58
CA PHE B 97 13.78 27.59 21.76
C PHE B 97 13.98 26.73 22.99
N THR B 98 13.62 25.45 22.88
CA THR B 98 13.57 24.55 24.03
C THR B 98 14.96 24.04 24.50
N SER B 99 15.83 23.78 23.55
CA SER B 99 17.11 23.15 23.78
C SER B 99 18.14 24.20 24.11
N GLY B 100 17.94 25.41 23.60
CA GLY B 100 18.85 26.50 23.85
C GLY B 100 19.97 26.60 22.82
N VAL B 101 20.01 25.71 21.82
CA VAL B 101 21.15 25.73 20.89
C VAL B 101 20.73 26.44 19.64
N ASN B 102 21.66 27.08 18.97
CA ASN B 102 21.40 27.63 17.68
C ASN B 102 21.61 26.64 16.52
N VAL B 103 20.73 26.66 15.55
CA VAL B 103 20.83 25.79 14.41
C VAL B 103 21.16 26.63 13.18
N THR B 104 22.17 26.17 12.46
CA THR B 104 22.50 26.69 11.17
C THR B 104 22.08 25.62 10.20
N GLU B 105 21.52 26.04 9.07
CA GLU B 105 21.08 25.09 8.09
C GLU B 105 22.17 24.63 7.14
N SER B 106 22.17 23.32 6.87
CA SER B 106 23.13 22.76 5.96
C SER B 106 22.50 22.14 4.74
N PRO B 107 23.04 22.46 3.55
CA PRO B 107 22.32 22.05 2.36
C PRO B 107 22.48 20.54 2.06
N ILE B 108 23.73 20.07 1.87
CA ILE B 108 24.05 18.66 1.58
C ILE B 108 25.54 18.50 1.81
N ILE B 109 25.90 17.47 2.56
CA ILE B 109 27.28 17.25 2.88
C ILE B 109 27.68 15.89 2.39
N TYR B 110 28.76 15.85 1.62
CA TYR B 110 29.39 14.66 1.10
C TYR B 110 30.51 14.30 2.05
N ARG B 111 30.71 13.00 2.25
CA ARG B 111 31.72 12.50 3.13
C ARG B 111 33.15 12.71 2.62
N ASP B 112 33.35 12.56 1.33
CA ASP B 112 34.71 12.57 0.81
C ASP B 112 34.71 13.03 -0.65
N GLU B 113 35.87 12.95 -1.29
CA GLU B 113 35.99 13.53 -2.60
C GLU B 113 35.33 12.75 -3.72
N SER B 114 34.92 11.51 -3.47
CA SER B 114 34.27 10.69 -4.49
C SER B 114 32.81 11.03 -4.66
N MET B 115 32.24 11.70 -3.66
CA MET B 115 30.85 12.17 -3.76
C MET B 115 29.96 10.98 -3.92
N ARG B 116 30.42 9.83 -3.42
CA ARG B 116 29.62 8.65 -3.52
C ARG B 116 28.55 8.56 -2.43
N THR B 117 28.79 9.24 -1.32
CA THR B 117 28.00 9.16 -0.11
C THR B 117 27.67 10.57 0.44
N ALA B 118 26.41 10.81 0.84
CA ALA B 118 26.04 12.07 1.45
C ALA B 118 24.87 12.03 2.44
N CYS B 119 24.73 13.08 3.27
CA CYS B 119 23.54 13.28 4.05
C CYS B 119 23.14 14.74 3.92
N SER B 120 21.87 15.04 4.20
CA SER B 120 21.42 16.44 4.33
C SER B 120 20.84 16.67 5.72
N PRO B 121 21.64 17.24 6.57
CA PRO B 121 21.15 17.39 7.92
C PRO B 121 19.99 18.39 8.01
N ASP B 122 19.05 18.13 8.91
CA ASP B 122 18.10 19.15 9.29
C ASP B 122 18.75 20.30 10.06
N GLY B 123 20.06 20.19 10.38
CA GLY B 123 20.83 21.32 10.89
C GLY B 123 22.11 20.95 11.62
N LEU B 124 22.91 21.99 11.87
CA LEU B 124 24.18 21.83 12.60
C LEU B 124 24.07 22.71 13.79
N CYS B 125 24.14 22.13 15.00
CA CYS B 125 23.83 22.94 16.18
C CYS B 125 25.06 23.65 16.68
N SER B 126 24.87 24.75 17.41
CA SER B 126 26.01 25.51 17.95
C SER B 126 26.93 24.78 18.93
N ASP B 127 26.51 23.61 19.42
CA ASP B 127 27.32 22.80 20.34
C ASP B 127 27.99 21.65 19.65
N GLY B 128 27.80 21.57 18.32
CA GLY B 128 28.57 20.65 17.46
C GLY B 128 27.88 19.34 17.09
N ASN B 129 26.71 19.12 17.68
CA ASN B 129 25.80 18.08 17.27
C ASN B 129 25.09 18.44 15.99
N GLY B 130 24.83 17.46 15.12
CA GLY B 130 23.86 17.69 14.05
C GLY B 130 22.40 17.45 14.53
N LEU B 131 21.43 17.65 13.64
CA LEU B 131 20.04 17.59 14.01
C LEU B 131 19.24 16.89 12.95
N GLU B 132 18.49 15.89 13.38
CA GLU B 132 17.45 15.28 12.58
C GLU B 132 16.03 15.64 13.13
N LEU B 133 15.25 16.36 12.31
CA LEU B 133 13.82 16.70 12.51
C LEU B 133 12.81 15.79 11.79
N LYS B 134 11.84 15.27 12.54
CA LYS B 134 10.72 14.51 12.01
C LYS B 134 9.50 15.27 12.47
N CYS B 135 8.52 15.36 11.57
CA CYS B 135 7.21 15.90 11.86
C CYS B 135 6.28 14.82 11.40
N PRO B 136 6.08 13.79 12.25
CA PRO B 136 5.20 12.65 11.89
C PRO B 136 3.88 13.12 11.37
N PHE B 137 3.44 12.50 10.26
CA PHE B 137 2.20 12.88 9.65
C PHE B 137 1.10 12.48 10.57
N THR B 138 1.31 11.32 11.24
CA THR B 138 0.37 10.79 12.18
C THR B 138 0.82 11.14 13.61
N SER B 139 -0.11 11.70 14.38
CA SER B 139 0.10 12.00 15.77
C SER B 139 0.38 10.73 16.47
N ARG B 140 -0.18 9.64 15.96
CA ARG B 140 0.17 8.29 16.42
C ARG B 140 1.66 8.08 16.54
N ASP B 141 2.43 8.40 15.49
CA ASP B 141 3.85 8.07 15.55
C ASP B 141 4.62 9.03 16.38
N PHE B 142 4.22 10.31 16.39
CA PHE B 142 4.81 11.27 17.36
C PHE B 142 4.62 10.75 18.77
N MET B 143 3.41 10.26 19.05
CA MET B 143 3.04 9.74 20.41
C MET B 143 3.90 8.55 20.80
N LYS B 144 4.11 7.65 19.85
CA LYS B 144 5.00 6.54 20.01
C LYS B 144 6.41 7.01 20.43
N PHE B 145 6.91 8.04 19.74
CA PHE B 145 8.23 8.51 20.05
C PHE B 145 8.25 9.24 21.40
N ARG B 146 7.30 10.13 21.63
CA ARG B 146 7.15 10.81 22.92
C ARG B 146 7.16 9.88 24.14
N LEU B 147 6.40 8.79 24.09
CA LEU B 147 6.33 7.92 25.27
C LEU B 147 7.51 7.02 25.34
N GLY B 148 8.04 6.62 24.18
CA GLY B 148 9.03 5.57 24.13
C GLY B 148 10.48 6.01 24.08
N GLY B 149 10.74 7.20 23.57
CA GLY B 149 12.11 7.73 23.60
C GLY B 149 13.07 7.04 22.63
N PHE B 150 14.34 7.05 23.00
CA PHE B 150 15.40 6.42 22.24
C PHE B 150 14.94 5.07 21.71
N GLU B 151 14.48 4.21 22.61
CA GLU B 151 14.22 2.80 22.26
C GLU B 151 13.12 2.50 21.21
N ALA B 152 12.28 3.47 20.93
CA ALA B 152 11.22 3.24 19.95
C ALA B 152 11.53 3.97 18.60
N ILE B 153 12.81 4.33 18.41
CA ILE B 153 13.27 4.88 17.15
C ILE B 153 13.45 3.70 16.18
N LYS B 154 12.71 3.72 15.06
CA LYS B 154 12.81 2.63 14.11
C LYS B 154 14.25 2.51 13.63
N SER B 155 14.65 1.29 13.30
CA SER B 155 15.99 1.11 12.76
C SER B 155 16.35 1.94 11.48
N ALA B 156 15.40 2.20 10.59
CA ALA B 156 15.70 3.01 9.40
C ALA B 156 16.13 4.44 9.81
N TYR B 157 15.53 4.92 10.87
CA TYR B 157 15.89 6.19 11.45
C TYR B 157 17.24 6.12 12.19
N MET B 158 17.56 5.00 12.85
CA MET B 158 18.86 4.87 13.50
C MET B 158 19.96 4.81 12.46
N ALA B 159 19.70 4.11 11.39
CA ALA B 159 20.62 4.02 10.32
C ALA B 159 20.83 5.43 9.75
N GLN B 160 19.74 6.16 9.54
CA GLN B 160 19.87 7.51 8.99
C GLN B 160 20.77 8.43 9.84
N VAL B 161 20.56 8.42 11.17
CA VAL B 161 21.33 9.30 12.09
C VAL B 161 22.82 8.92 12.22
N GLN B 162 23.08 7.64 12.49
CA GLN B 162 24.43 7.15 12.52
C GLN B 162 25.19 7.47 11.20
N TYR B 163 24.56 7.26 10.04
CA TYR B 163 25.26 7.43 8.75
C TYR B 163 25.59 8.87 8.61
N SER B 164 24.78 9.72 9.23
CA SER B 164 24.97 11.14 9.18
C SER B 164 26.23 11.47 10.00
N MET B 165 26.46 10.74 11.10
CA MET B 165 27.67 10.90 11.89
C MET B 165 28.91 10.38 11.19
N TRP B 166 28.77 9.23 10.53
CA TRP B 166 29.80 8.64 9.61
C TRP B 166 30.23 9.65 8.52
N VAL B 167 29.25 10.21 7.80
CA VAL B 167 29.53 11.26 6.78
C VAL B 167 30.25 12.51 7.29
N THR B 168 29.77 13.11 8.38
CA THR B 168 30.29 14.40 8.82
C THR B 168 31.46 14.30 9.80
N ARG B 169 31.59 13.14 10.44
CA ARG B 169 32.66 12.82 11.40
C ARG B 169 32.28 13.23 12.83
N LYS B 170 31.02 13.57 13.01
CA LYS B 170 30.52 14.06 14.28
C LYS B 170 30.27 12.93 15.25
N ASN B 171 30.09 13.30 16.53
CA ASN B 171 30.10 12.36 17.68
C ASN B 171 28.73 12.19 18.36
N ALA B 172 27.82 13.11 18.08
CA ALA B 172 26.50 13.11 18.71
C ALA B 172 25.45 13.75 17.81
N TRP B 173 24.20 13.28 17.88
CA TRP B 173 23.20 13.87 17.00
C TRP B 173 21.85 14.17 17.67
N TYR B 174 21.29 15.34 17.44
CA TYR B 174 19.91 15.54 17.90
C TYR B 174 18.82 14.77 17.06
N PHE B 175 17.87 14.14 17.75
CA PHE B 175 16.69 13.50 17.14
C PHE B 175 15.44 14.04 17.82
N ALA B 176 14.76 14.96 17.11
CA ALA B 176 13.59 15.68 17.54
C ALA B 176 12.36 15.28 16.69
N ASN B 177 11.21 15.18 17.36
CA ASN B 177 9.91 15.06 16.71
C ASN B 177 9.06 16.25 17.16
N TYR B 178 8.34 16.78 16.20
CA TYR B 178 7.40 17.88 16.38
C TYR B 178 5.99 17.54 15.78
N ASP B 179 4.97 17.73 16.60
CA ASP B 179 3.58 17.61 16.19
C ASP B 179 2.76 18.86 16.56
N PRO B 180 2.50 19.72 15.58
CA PRO B 180 1.78 20.98 15.82
C PRO B 180 0.35 20.79 16.36
N ARG B 181 -0.24 19.63 16.16
CA ARG B 181 -1.62 19.42 16.62
C ARG B 181 -1.71 19.13 18.13
N MET B 182 -0.61 18.71 18.75
CA MET B 182 -0.59 18.49 20.18
C MET B 182 -0.94 19.82 20.91
N LYS B 183 -1.87 19.75 21.86
CA LYS B 183 -2.21 20.93 22.68
C LYS B 183 -1.05 21.30 23.58
N ARG B 184 -0.25 20.29 23.97
CA ARG B 184 0.95 20.53 24.80
C ARG B 184 1.89 19.42 24.48
N GLU B 185 3.17 19.56 24.89
CA GLU B 185 4.18 18.49 24.76
C GLU B 185 4.35 18.06 23.31
N GLY B 186 4.33 19.02 22.40
CA GLY B 186 4.36 18.76 20.97
C GLY B 186 5.76 18.73 20.37
N LEU B 187 6.76 18.94 21.22
CA LEU B 187 8.16 18.69 20.83
C LEU B 187 8.78 17.69 21.77
N HIS B 188 9.57 16.79 21.25
CA HIS B 188 10.34 15.90 22.06
C HIS B 188 11.59 15.55 21.32
N TYR B 189 12.67 15.42 22.07
CA TYR B 189 13.95 15.06 21.49
C TYR B 189 14.89 14.29 22.38
N VAL B 190 15.86 13.65 21.74
CA VAL B 190 16.92 12.92 22.43
C VAL B 190 18.23 13.26 21.73
N VAL B 191 19.35 12.83 22.32
CA VAL B 191 20.68 12.94 21.75
C VAL B 191 21.19 11.52 21.50
N ILE B 192 21.76 11.30 20.33
CA ILE B 192 22.07 9.96 19.94
C ILE B 192 23.60 9.95 19.77
N GLU B 193 24.32 9.15 20.58
CA GLU B 193 25.77 9.15 20.44
C GLU B 193 26.17 8.21 19.28
N ARG B 194 27.25 8.62 18.60
CA ARG B 194 27.92 7.88 17.55
C ARG B 194 28.12 6.44 17.98
N ASP B 195 27.80 5.49 17.10
CA ASP B 195 27.82 4.08 17.49
C ASP B 195 28.84 3.40 16.59
N GLU B 196 29.98 3.07 17.20
CA GLU B 196 31.14 2.50 16.47
C GLU B 196 30.81 1.19 15.75
N LYS B 197 29.78 0.50 16.24
CA LYS B 197 29.32 -0.74 15.59
C LYS B 197 28.63 -0.40 14.26
N TYR B 198 27.91 0.72 14.21
CA TYR B 198 27.39 1.23 12.93
C TYR B 198 28.53 1.76 12.07
N MET B 199 29.42 2.53 12.71
CA MET B 199 30.50 3.12 11.94
C MET B 199 31.25 2.02 11.22
N ALA B 200 31.44 0.89 11.88
CA ALA B 200 32.32 -0.17 11.32
C ALA B 200 31.54 -0.81 10.22
N SER B 201 30.29 -1.09 10.50
CA SER B 201 29.44 -1.66 9.51
C SER B 201 29.37 -0.83 8.18
N PHE B 202 29.38 0.52 8.25
CA PHE B 202 29.45 1.41 7.01
C PHE B 202 30.83 1.37 6.34
N ASP B 203 31.88 1.30 7.13
CA ASP B 203 33.22 1.14 6.53
C ASP B 203 33.32 -0.17 5.76
N GLU B 204 32.48 -1.16 6.10
CA GLU B 204 32.56 -2.42 5.42
C GLU B 204 31.60 -2.52 4.26
N ILE B 205 30.33 -2.19 4.49
CA ILE B 205 29.31 -2.41 3.48
C ILE B 205 29.26 -1.32 2.39
N VAL B 206 29.40 -0.05 2.77
CA VAL B 206 29.22 1.02 1.79
C VAL B 206 30.22 0.94 0.63
N PRO B 207 31.55 0.80 0.91
CA PRO B 207 32.49 0.55 -0.20
C PRO B 207 32.17 -0.68 -1.06
N GLU B 208 31.54 -1.71 -0.49
CA GLU B 208 31.12 -2.90 -1.28
C GLU B 208 29.96 -2.59 -2.23
N PHE B 209 28.96 -1.87 -1.73
CA PHE B 209 27.82 -1.39 -2.55
C PHE B 209 28.36 -0.58 -3.74
N ILE B 210 29.26 0.36 -3.45
CA ILE B 210 29.87 1.25 -4.48
C ILE B 210 30.63 0.52 -5.61
N GLU B 211 31.56 -0.36 -5.22
CA GLU B 211 32.26 -1.22 -6.15
C GLU B 211 31.27 -2.05 -6.98
N LYS B 212 30.22 -2.54 -6.35
CA LYS B 212 29.17 -3.25 -7.10
C LYS B 212 28.40 -2.41 -8.07
N MET B 213 28.00 -1.21 -7.66
CA MET B 213 27.39 -0.27 -8.62
C MET B 213 28.34 0.03 -9.77
N ASP B 214 29.62 0.26 -9.48
CA ASP B 214 30.60 0.48 -10.56
C ASP B 214 30.71 -0.76 -11.52
N GLU B 215 30.63 -1.99 -11.00
CA GLU B 215 30.64 -3.20 -11.82
C GLU B 215 29.47 -3.18 -12.78
N ALA B 216 28.27 -3.07 -12.21
CA ALA B 216 27.08 -3.05 -13.00
C ALA B 216 27.04 -1.92 -14.06
N LEU B 217 27.48 -0.70 -13.74
CA LEU B 217 27.45 0.39 -14.77
C LEU B 217 28.36 0.08 -15.97
N ALA B 218 29.62 -0.31 -15.68
CA ALA B 218 30.57 -0.81 -16.69
C ALA B 218 29.91 -1.83 -17.63
N GLU B 219 29.16 -2.78 -17.06
CA GLU B 219 28.59 -3.83 -17.83
C GLU B 219 27.74 -3.25 -18.91
N ILE B 220 26.99 -2.22 -18.58
CA ILE B 220 26.11 -1.67 -19.56
C ILE B 220 26.63 -0.39 -20.16
N GLY B 221 27.88 -0.02 -19.89
CA GLY B 221 28.56 1.06 -20.65
C GLY B 221 28.31 2.49 -20.18
N PHE B 222 27.96 2.62 -18.89
CA PHE B 222 27.84 3.91 -18.21
C PHE B 222 28.94 4.10 -17.21
N VAL B 223 29.08 5.35 -16.75
CA VAL B 223 30.04 5.65 -15.71
C VAL B 223 29.40 6.58 -14.63
N PHE B 224 29.75 6.38 -13.35
CA PHE B 224 29.28 7.31 -12.32
C PHE B 224 29.73 8.71 -12.62
N GLY B 225 28.85 9.70 -12.46
CA GLY B 225 29.22 11.09 -12.71
C GLY B 225 28.54 11.51 -13.97
N GLU B 226 28.14 10.54 -14.78
CA GLU B 226 27.40 10.80 -16.02
C GLU B 226 26.13 11.57 -15.75
N GLN B 227 25.63 11.56 -14.52
CA GLN B 227 24.34 12.17 -14.25
C GLN B 227 24.52 13.67 -14.14
N TRP B 228 25.77 14.09 -13.87
CA TRP B 228 26.16 15.50 -13.69
C TRP B 228 26.79 16.13 -14.94
N ARG B 229 27.36 15.32 -15.81
CA ARG B 229 27.89 15.76 -17.11
C ARG B 229 26.93 16.74 -17.79
N THR C 5 -25.94 8.37 28.78
CA THR C 5 -27.38 8.29 28.42
C THR C 5 -27.99 9.70 28.27
N PRO C 6 -28.34 10.10 27.02
CA PRO C 6 -28.44 11.47 26.44
C PRO C 6 -28.07 12.66 27.32
N ASP C 7 -28.45 12.61 28.59
CA ASP C 7 -28.24 13.71 29.52
C ASP C 7 -26.76 13.85 29.85
N ILE C 8 -26.23 12.77 30.44
CA ILE C 8 -24.83 12.64 30.87
C ILE C 8 -23.80 13.03 29.77
N ILE C 9 -24.20 12.86 28.51
CA ILE C 9 -23.38 13.22 27.35
C ILE C 9 -23.12 14.74 27.22
N LEU C 10 -24.14 15.53 27.51
CA LEU C 10 -24.03 17.00 27.56
C LEU C 10 -23.00 17.44 28.61
N GLN C 11 -23.12 16.88 29.82
CA GLN C 11 -22.26 17.26 30.96
C GLN C 11 -20.75 17.10 30.69
N ARG C 12 -20.40 16.29 29.68
CA ARG C 12 -19.00 16.06 29.30
C ARG C 12 -18.56 16.89 28.09
N THR C 13 -19.44 16.91 27.07
CA THR C 13 -19.10 17.42 25.74
C THR C 13 -19.90 18.67 25.31
N GLY C 14 -21.03 18.90 25.98
CA GLY C 14 -21.98 19.95 25.59
C GLY C 14 -22.80 19.61 24.35
N ILE C 15 -22.70 18.37 23.88
CA ILE C 15 -23.26 17.98 22.59
C ILE C 15 -24.61 17.21 22.67
N ASP C 16 -25.58 17.69 21.89
CA ASP C 16 -26.91 17.08 21.82
C ASP C 16 -26.84 15.95 20.81
N VAL C 17 -26.96 14.72 21.32
CA VAL C 17 -26.85 13.53 20.48
C VAL C 17 -27.96 13.43 19.41
N ARG C 18 -28.97 14.30 19.53
CA ARG C 18 -30.09 14.36 18.60
C ARG C 18 -29.68 14.99 17.26
N ALA C 19 -28.75 15.95 17.31
CA ALA C 19 -28.26 16.69 16.12
C ALA C 19 -27.28 15.89 15.21
N VAL C 20 -27.32 14.57 15.34
CA VAL C 20 -26.16 13.78 14.99
C VAL C 20 -26.45 12.70 13.96
N GLU C 21 -25.84 12.84 12.77
CA GLU C 21 -25.91 11.85 11.68
C GLU C 21 -24.54 11.27 11.31
N GLN C 22 -24.48 9.95 11.12
CA GLN C 22 -23.26 9.22 10.77
C GLN C 22 -22.39 9.88 9.70
N GLY C 23 -21.17 10.25 10.10
CA GLY C 23 -20.24 10.91 9.21
C GLY C 23 -20.07 12.41 9.41
N ASP C 24 -20.93 13.03 10.23
CA ASP C 24 -20.92 14.49 10.31
C ASP C 24 -19.77 14.99 11.18
N ASP C 25 -19.88 16.18 11.77
CA ASP C 25 -18.76 16.77 12.53
C ASP C 25 -18.84 16.53 14.03
N ALA C 26 -20.00 16.81 14.60
CA ALA C 26 -20.22 16.62 16.01
C ALA C 26 -20.04 15.13 16.36
N TRP C 27 -20.30 14.28 15.39
CA TRP C 27 -20.18 12.81 15.44
C TRP C 27 -18.73 12.37 15.70
N HIS C 28 -17.87 12.69 14.75
CA HIS C 28 -16.43 12.47 14.86
C HIS C 28 -15.87 12.86 16.23
N LYS C 29 -16.33 13.98 16.77
CA LYS C 29 -15.84 14.43 18.03
C LYS C 29 -16.27 13.57 19.26
N LEU C 30 -17.36 12.82 19.18
CA LEU C 30 -17.78 12.01 20.33
C LEU C 30 -16.99 10.70 20.45
N ARG C 31 -16.22 10.41 19.39
CA ARG C 31 -15.48 9.17 19.25
C ARG C 31 -14.00 9.29 19.64
N LEU C 32 -13.50 10.53 19.77
CA LEU C 32 -12.12 10.79 20.06
C LEU C 32 -11.67 10.04 21.30
N GLY C 33 -10.60 9.27 21.14
CA GLY C 33 -10.03 8.51 22.24
C GLY C 33 -10.96 7.51 22.85
N VAL C 34 -12.09 7.24 22.19
CA VAL C 34 -13.03 6.24 22.65
C VAL C 34 -12.75 4.93 21.92
N ILE C 35 -12.82 3.82 22.64
CA ILE C 35 -12.60 2.52 22.06
C ILE C 35 -13.84 2.04 21.30
N THR C 36 -13.74 2.05 19.97
CA THR C 36 -14.86 1.80 19.06
C THR C 36 -14.85 0.41 18.50
N ALA C 37 -16.02 -0.16 18.32
CA ALA C 37 -16.24 -1.41 17.62
C ALA C 37 -15.35 -1.61 16.39
N SER C 38 -15.30 -0.59 15.52
CA SER C 38 -14.55 -0.68 14.26
C SER C 38 -13.07 -0.96 14.49
N GLU C 39 -12.55 -0.57 15.66
CA GLU C 39 -11.13 -0.73 15.91
C GLU C 39 -10.77 -1.77 16.98
N VAL C 40 -11.78 -2.34 17.64
CA VAL C 40 -11.54 -3.12 18.86
C VAL C 40 -10.76 -4.41 18.64
N HIS C 41 -10.77 -4.91 17.40
CA HIS C 41 -9.99 -6.06 17.04
C HIS C 41 -8.50 -5.89 17.41
N ASN C 42 -8.04 -4.65 17.47
CA ASN C 42 -6.64 -4.34 17.86
C ASN C 42 -6.40 -4.54 19.34
N VAL C 43 -7.44 -4.35 20.14
CA VAL C 43 -7.37 -4.39 21.61
C VAL C 43 -7.30 -5.85 22.06
N ILE C 44 -8.03 -6.75 21.39
CA ILE C 44 -8.05 -8.16 21.77
C ILE C 44 -7.10 -9.03 20.97
N ALA C 45 -6.25 -8.41 20.14
CA ALA C 45 -5.22 -9.20 19.45
C ALA C 45 -4.25 -9.80 20.44
N LYS C 46 -3.79 -11.01 20.16
CA LYS C 46 -2.79 -11.69 21.00
C LYS C 46 -1.42 -11.73 20.32
N PRO C 47 -0.34 -11.68 21.10
CA PRO C 47 0.97 -11.81 20.47
C PRO C 47 1.09 -13.06 19.60
N ARG C 48 1.94 -12.99 18.58
CA ARG C 48 2.30 -14.17 17.79
C ARG C 48 3.21 -15.07 18.66
N SER C 49 3.88 -14.45 19.65
CA SER C 49 4.83 -15.10 20.53
C SER C 49 5.13 -14.21 21.72
N GLY C 50 5.54 -14.83 22.83
CA GLY C 50 5.77 -14.10 24.07
C GLY C 50 4.44 -13.64 24.61
N LYS C 51 4.45 -12.68 25.52
CA LYS C 51 3.18 -12.13 26.02
C LYS C 51 3.17 -10.61 26.22
N LYS C 52 3.88 -9.89 25.36
CA LYS C 52 3.81 -8.44 25.33
C LYS C 52 2.67 -8.11 24.39
N TRP C 53 2.14 -6.89 24.49
CA TRP C 53 1.15 -6.40 23.52
C TRP C 53 1.69 -6.46 22.11
N PRO C 54 0.95 -7.07 21.17
CA PRO C 54 1.41 -7.10 19.78
C PRO C 54 1.48 -5.69 19.17
N ASP C 55 2.20 -5.53 18.07
CA ASP C 55 2.33 -4.21 17.44
C ASP C 55 1.04 -3.47 17.12
N MET C 56 0.06 -4.16 16.56
CA MET C 56 -1.23 -3.53 16.18
C MET C 56 -2.01 -3.01 17.38
N LYS C 57 -1.87 -3.69 18.51
CA LYS C 57 -2.42 -3.20 19.77
C LYS C 57 -1.71 -1.91 20.21
N MET C 58 -0.38 -1.91 20.17
CA MET C 58 0.38 -0.71 20.53
C MET C 58 0.03 0.45 19.58
N SER C 59 -0.23 0.11 18.35
CA SER C 59 -0.36 1.08 17.34
C SER C 59 -1.70 1.72 17.59
N TYR C 60 -2.71 0.91 17.85
CA TYR C 60 -4.00 1.47 18.22
C TYR C 60 -3.96 2.21 19.60
N PHE C 61 -3.27 1.61 20.55
CA PHE C 61 -2.87 2.30 21.81
C PHE C 61 -2.35 3.71 21.54
N HIS C 62 -1.33 3.87 20.69
CA HIS C 62 -0.82 5.23 20.41
C HIS C 62 -1.75 6.14 19.63
N THR C 63 -2.68 5.55 18.86
CA THR C 63 -3.59 6.32 18.02
C THR C 63 -4.64 7.08 18.87
N LEU C 64 -5.29 6.36 19.78
CA LEU C 64 -6.25 6.95 20.72
C LEU C 64 -5.58 7.88 21.72
N LEU C 65 -4.39 7.51 22.18
CA LEU C 65 -3.65 8.45 23.02
C LEU C 65 -3.57 9.80 22.34
N ALA C 66 -3.26 9.78 21.04
CA ALA C 66 -3.09 11.00 20.23
C ALA C 66 -4.42 11.72 20.00
N GLU C 67 -5.53 10.97 19.95
CA GLU C 67 -6.87 11.59 19.89
C GLU C 67 -7.14 12.39 21.15
N VAL C 68 -6.73 11.83 22.27
CA VAL C 68 -6.97 12.47 23.56
C VAL C 68 -6.20 13.77 23.64
N CYS C 69 -4.94 13.76 23.19
CA CYS C 69 -4.04 14.89 23.43
C CYS C 69 -4.05 15.92 22.33
N THR C 70 -4.57 15.57 21.15
CA THR C 70 -4.65 16.52 20.03
C THR C 70 -6.04 17.17 19.84
N GLY C 71 -7.05 16.48 20.33
CA GLY C 71 -8.47 16.71 20.04
C GLY C 71 -8.89 16.51 18.60
N VAL C 72 -8.10 15.79 17.80
CA VAL C 72 -8.48 15.56 16.42
C VAL C 72 -8.16 14.15 15.98
N ALA C 73 -8.64 13.80 14.79
CA ALA C 73 -8.40 12.51 14.19
C ALA C 73 -8.33 12.68 12.70
N PRO C 74 -7.34 12.05 12.05
CA PRO C 74 -7.31 12.17 10.59
C PRO C 74 -8.41 11.36 9.94
N GLU C 75 -8.88 11.84 8.78
CA GLU C 75 -9.68 10.98 7.91
C GLU C 75 -8.81 9.97 7.18
N VAL C 76 -8.93 8.72 7.63
CA VAL C 76 -8.26 7.57 7.07
C VAL C 76 -9.24 6.90 6.06
N ASN C 77 -8.70 6.08 5.15
CA ASN C 77 -9.48 5.29 4.17
C ASN C 77 -10.72 5.98 3.55
N ALA C 78 -10.46 7.15 3.00
CA ALA C 78 -11.48 8.05 2.44
C ALA C 78 -12.39 7.41 1.39
N LYS C 79 -11.80 6.70 0.42
CA LYS C 79 -12.61 6.24 -0.73
C LYS C 79 -13.65 5.18 -0.36
N ALA C 80 -13.28 4.18 0.45
CA ALA C 80 -14.21 3.16 1.01
C ALA C 80 -15.39 3.75 1.80
N LEU C 81 -15.12 4.84 2.55
CA LEU C 81 -16.10 5.58 3.37
C LEU C 81 -17.01 6.44 2.55
N ALA C 82 -16.47 7.03 1.51
CA ALA C 82 -17.26 7.75 0.54
C ALA C 82 -18.12 6.74 -0.21
N TRP C 83 -17.62 5.52 -0.43
CA TRP C 83 -18.43 4.56 -1.20
C TRP C 83 -19.63 4.16 -0.31
N GLY C 84 -19.35 3.99 0.99
CA GLY C 84 -20.36 3.57 1.99
C GLY C 84 -21.41 4.67 2.20
N LYS C 85 -20.95 5.91 2.27
CA LYS C 85 -21.84 7.05 2.37
C LYS C 85 -22.74 7.13 1.14
N GLN C 86 -22.15 7.00 -0.05
CA GLN C 86 -22.95 6.96 -1.28
C GLN C 86 -24.11 5.92 -1.26
N TYR C 87 -23.87 4.66 -0.84
CA TYR C 87 -24.92 3.64 -0.98
C TYR C 87 -25.69 3.23 0.30
N GLU C 88 -25.51 4.03 1.33
CA GLU C 88 -26.05 3.83 2.66
C GLU C 88 -27.57 3.67 2.67
N ASN C 89 -28.25 4.67 2.12
CA ASN C 89 -29.71 4.70 2.12
C ASN C 89 -30.25 3.55 1.30
N ASP C 90 -29.64 3.29 0.13
CA ASP C 90 -30.09 2.15 -0.72
C ASP C 90 -29.85 0.78 -0.07
N ALA C 91 -28.69 0.60 0.55
CA ALA C 91 -28.45 -0.66 1.27
C ALA C 91 -29.56 -0.82 2.28
N ARG C 92 -29.86 0.23 3.04
CA ARG C 92 -30.85 0.13 4.12
C ARG C 92 -32.21 -0.28 3.55
N THR C 93 -32.70 0.49 2.58
CA THR C 93 -34.00 0.22 1.94
C THR C 93 -34.04 -1.22 1.42
N LEU C 94 -32.99 -1.65 0.73
CA LEU C 94 -32.97 -3.02 0.21
C LEU C 94 -33.07 -3.99 1.37
N PHE C 95 -32.36 -3.68 2.44
CA PHE C 95 -32.27 -4.56 3.60
C PHE C 95 -33.59 -4.69 4.31
N GLU C 96 -34.31 -3.56 4.40
CA GLU C 96 -35.59 -3.52 5.08
C GLU C 96 -36.55 -4.30 4.22
N PHE C 97 -36.43 -4.10 2.90
CA PHE C 97 -37.32 -4.78 1.96
C PHE C 97 -37.18 -6.27 2.11
N THR C 98 -35.94 -6.73 2.25
CA THR C 98 -35.64 -8.15 2.20
C THR C 98 -35.75 -8.91 3.51
N SER C 99 -35.43 -8.29 4.63
CA SER C 99 -35.53 -8.95 5.94
C SER C 99 -36.93 -8.78 6.50
N GLY C 100 -37.57 -7.68 6.12
CA GLY C 100 -38.90 -7.33 6.63
C GLY C 100 -38.90 -6.52 7.92
N VAL C 101 -37.71 -6.28 8.50
CA VAL C 101 -37.58 -5.51 9.74
C VAL C 101 -37.43 -4.07 9.37
N ASN C 102 -37.82 -3.15 10.25
CA ASN C 102 -37.59 -1.72 10.01
C ASN C 102 -36.28 -1.31 10.70
N VAL C 103 -35.50 -0.42 10.08
CA VAL C 103 -34.25 0.06 10.69
C VAL C 103 -34.41 1.48 11.24
N THR C 104 -33.97 1.70 12.45
CA THR C 104 -33.94 3.01 13.06
C THR C 104 -32.43 3.27 13.17
N GLU C 105 -31.99 4.38 12.59
CA GLU C 105 -30.57 4.77 12.62
C GLU C 105 -30.21 5.23 14.00
N SER C 106 -28.95 5.04 14.36
CA SER C 106 -28.50 5.35 15.68
C SER C 106 -27.12 5.98 15.63
N PRO C 107 -26.97 7.14 16.26
CA PRO C 107 -25.57 7.57 16.39
C PRO C 107 -24.94 6.83 17.60
N ILE C 108 -23.63 6.98 17.75
CA ILE C 108 -22.92 6.43 18.90
C ILE C 108 -23.78 5.92 20.07
N ILE C 109 -23.43 4.75 20.60
CA ILE C 109 -23.94 4.31 21.85
C ILE C 109 -22.75 3.95 22.71
N TYR C 110 -22.65 4.57 23.90
CA TYR C 110 -21.63 4.21 24.90
C TYR C 110 -22.11 3.12 25.79
N ARG C 111 -21.19 2.25 26.24
CA ARG C 111 -21.53 1.15 27.16
C ARG C 111 -21.89 1.59 28.59
N ASP C 112 -21.25 2.65 29.07
CA ASP C 112 -21.41 3.10 30.46
C ASP C 112 -21.04 4.56 30.60
N GLU C 113 -21.29 5.08 31.82
CA GLU C 113 -20.94 6.43 32.22
C GLU C 113 -19.45 6.82 31.95
N SER C 114 -18.54 5.84 32.01
CA SER C 114 -17.11 6.07 31.75
C SER C 114 -16.88 6.65 30.39
N MET C 115 -17.64 6.20 29.40
CA MET C 115 -17.62 6.81 28.05
C MET C 115 -16.33 6.49 27.28
N ARG C 116 -15.71 5.39 27.71
CA ARG C 116 -14.44 4.85 27.23
C ARG C 116 -14.65 3.83 26.09
N THR C 117 -15.86 3.28 26.00
CA THR C 117 -16.20 2.18 25.15
C THR C 117 -17.52 2.49 24.44
N ALA C 118 -17.55 2.32 23.11
CA ALA C 118 -18.70 2.75 22.28
C ALA C 118 -18.79 2.10 20.89
N CYS C 119 -19.95 2.17 20.25
CA CYS C 119 -20.08 1.71 18.89
C CYS C 119 -21.05 2.60 18.14
N SER C 120 -21.02 2.48 16.81
CA SER C 120 -21.95 3.21 15.94
C SER C 120 -22.71 2.27 14.99
N PRO C 121 -23.85 1.75 15.44
CA PRO C 121 -24.56 0.80 14.61
C PRO C 121 -24.91 1.40 13.27
N ASP C 122 -25.02 0.57 12.25
CA ASP C 122 -25.64 1.05 11.01
C ASP C 122 -27.16 1.09 11.21
N GLY C 123 -27.63 0.42 12.25
CA GLY C 123 -29.01 0.55 12.66
C GLY C 123 -29.44 -0.37 13.79
N LEU C 124 -30.63 -0.09 14.27
CA LEU C 124 -31.28 -0.89 15.30
C LEU C 124 -32.55 -1.34 14.66
N CYS C 125 -32.77 -2.66 14.69
CA CYS C 125 -33.88 -3.24 14.02
C CYS C 125 -35.10 -3.42 14.90
N SER C 126 -36.27 -3.53 14.26
CA SER C 126 -37.56 -3.75 14.96
C SER C 126 -37.69 -5.09 15.63
N ASP C 127 -36.81 -6.02 15.31
CA ASP C 127 -36.76 -7.29 16.05
C ASP C 127 -35.80 -7.24 17.23
N GLY C 128 -35.12 -6.10 17.45
CA GLY C 128 -34.30 -5.94 18.66
C GLY C 128 -32.83 -6.15 18.33
N ASN C 129 -32.56 -6.78 17.19
CA ASN C 129 -31.22 -6.89 16.63
C ASN C 129 -30.60 -5.58 16.12
N GLY C 130 -29.30 -5.44 16.38
CA GLY C 130 -28.49 -4.38 15.76
C GLY C 130 -28.17 -4.75 14.32
N LEU C 131 -27.51 -3.84 13.61
CA LEU C 131 -27.27 -4.04 12.19
C LEU C 131 -25.94 -3.44 11.85
N GLU C 132 -25.06 -4.29 11.30
CA GLU C 132 -23.89 -3.83 10.60
C GLU C 132 -24.12 -4.09 9.12
N LEU C 133 -24.11 -3.01 8.33
CA LEU C 133 -24.37 -3.04 6.89
C LEU C 133 -23.18 -2.45 6.14
N LYS C 134 -22.39 -3.29 5.51
CA LYS C 134 -21.24 -2.75 4.77
C LYS C 134 -21.54 -2.75 3.29
N CYS C 135 -21.00 -1.79 2.56
CA CYS C 135 -20.99 -1.78 1.09
C CYS C 135 -19.54 -1.95 0.76
N PRO C 136 -19.08 -3.19 0.60
CA PRO C 136 -17.66 -3.48 0.39
C PRO C 136 -17.10 -2.80 -0.84
N PHE C 137 -15.89 -2.28 -0.73
CA PHE C 137 -15.37 -1.41 -1.77
C PHE C 137 -15.21 -2.18 -3.07
N THR C 138 -14.78 -3.42 -2.97
CA THR C 138 -14.62 -4.23 -4.15
C THR C 138 -15.73 -5.28 -4.18
N SER C 139 -16.22 -5.56 -5.40
CA SER C 139 -17.28 -6.56 -5.54
C SER C 139 -16.72 -7.94 -5.20
N ARG C 140 -15.41 -8.11 -5.36
CA ARG C 140 -14.69 -9.29 -4.92
C ARG C 140 -14.98 -9.64 -3.48
N ASP C 141 -14.88 -8.65 -2.58
CA ASP C 141 -15.17 -8.91 -1.18
C ASP C 141 -16.63 -9.18 -0.98
N PHE C 142 -17.51 -8.56 -1.77
CA PHE C 142 -18.90 -8.95 -1.74
C PHE C 142 -19.02 -10.43 -2.10
N MET C 143 -18.42 -10.81 -3.20
CA MET C 143 -18.50 -12.18 -3.66
C MET C 143 -18.06 -13.12 -2.52
N LYS C 144 -16.94 -12.83 -1.87
CA LYS C 144 -16.45 -13.72 -0.79
C LYS C 144 -17.54 -14.00 0.22
N PHE C 145 -18.16 -12.93 0.73
CA PHE C 145 -19.17 -13.07 1.74
C PHE C 145 -20.45 -13.79 1.23
N ARG C 146 -20.85 -13.47 0.00
CA ARG C 146 -22.01 -14.15 -0.64
C ARG C 146 -21.78 -15.67 -0.70
N LEU C 147 -20.61 -16.07 -1.15
CA LEU C 147 -20.31 -17.48 -1.32
C LEU C 147 -19.99 -18.16 -0.01
N GLY C 148 -19.30 -17.46 0.90
CA GLY C 148 -18.84 -18.03 2.16
C GLY C 148 -19.65 -17.87 3.44
N GLY C 149 -20.50 -16.84 3.51
CA GLY C 149 -21.41 -16.64 4.66
C GLY C 149 -20.69 -16.37 5.96
N PHE C 150 -21.28 -16.83 7.06
CA PHE C 150 -20.72 -16.62 8.42
C PHE C 150 -19.20 -16.81 8.49
N GLU C 151 -18.71 -17.94 7.97
CA GLU C 151 -17.36 -18.39 8.31
C GLU C 151 -16.25 -17.75 7.47
N ALA C 152 -16.67 -16.93 6.51
CA ALA C 152 -15.76 -16.07 5.74
C ALA C 152 -15.78 -14.58 6.15
N ILE C 153 -16.62 -14.20 7.11
CA ILE C 153 -16.60 -12.87 7.74
C ILE C 153 -15.24 -12.74 8.45
N LYS C 154 -14.40 -11.76 8.10
CA LYS C 154 -13.05 -11.73 8.70
C LYS C 154 -13.05 -11.32 10.15
N SER C 155 -11.92 -11.60 10.80
CA SER C 155 -11.73 -11.51 12.23
C SER C 155 -11.99 -10.10 12.77
N ALA C 156 -11.43 -9.12 12.09
CA ALA C 156 -11.71 -7.75 12.45
C ALA C 156 -13.22 -7.54 12.59
N TYR C 157 -14.02 -8.14 11.68
CA TYR C 157 -15.48 -7.84 11.65
C TYR C 157 -16.35 -8.58 12.63
N MET C 158 -16.00 -9.84 12.90
CA MET C 158 -16.61 -10.59 13.97
C MET C 158 -16.40 -9.82 15.27
N ALA C 159 -15.17 -9.38 15.53
CA ALA C 159 -14.91 -8.63 16.77
C ALA C 159 -15.75 -7.34 16.80
N GLN C 160 -15.84 -6.67 15.61
CA GLN C 160 -16.67 -5.46 15.49
C GLN C 160 -18.11 -5.78 15.95
N VAL C 161 -18.73 -6.81 15.37
CA VAL C 161 -20.10 -7.18 15.74
C VAL C 161 -20.29 -7.58 17.22
N GLN C 162 -19.37 -8.40 17.73
CA GLN C 162 -19.52 -8.91 19.07
C GLN C 162 -19.34 -7.79 20.05
N TYR C 163 -18.39 -6.92 19.79
CA TYR C 163 -18.20 -5.76 20.66
C TYR C 163 -19.46 -4.90 20.66
N SER C 164 -20.11 -4.80 19.51
CA SER C 164 -21.32 -4.01 19.45
C SER C 164 -22.35 -4.60 20.44
N MET C 165 -22.33 -5.92 20.60
CA MET C 165 -23.35 -6.56 21.42
C MET C 165 -22.98 -6.38 22.89
N TRP C 166 -21.66 -6.40 23.17
CA TRP C 166 -21.06 -6.03 24.47
C TRP C 166 -21.43 -4.65 24.95
N VAL C 167 -21.33 -3.67 24.05
CA VAL C 167 -21.72 -2.30 24.32
C VAL C 167 -23.19 -2.16 24.50
N THR C 168 -24.00 -2.65 23.57
CA THR C 168 -25.47 -2.37 23.64
C THR C 168 -26.25 -3.31 24.57
N ARG C 169 -25.58 -4.40 24.97
CA ARG C 169 -26.11 -5.52 25.79
C ARG C 169 -27.13 -6.35 25.04
N LYS C 170 -27.04 -6.39 23.72
CA LYS C 170 -28.01 -7.09 22.88
C LYS C 170 -27.59 -8.53 22.60
N ASN C 171 -28.51 -9.36 22.12
CA ASN C 171 -28.22 -10.80 21.96
C ASN C 171 -27.94 -11.31 20.54
N ALA C 172 -28.19 -10.45 19.54
CA ALA C 172 -28.04 -10.80 18.13
C ALA C 172 -27.82 -9.55 17.28
N TRP C 173 -27.18 -9.75 16.11
CA TRP C 173 -26.76 -8.68 15.23
C TRP C 173 -26.82 -9.18 13.81
N TYR C 174 -27.39 -8.37 12.93
CA TYR C 174 -27.35 -8.68 11.53
C TYR C 174 -26.02 -8.19 10.98
N PHE C 175 -25.37 -8.99 10.14
CA PHE C 175 -24.15 -8.55 9.47
C PHE C 175 -24.49 -8.65 7.99
N ALA C 176 -24.53 -7.52 7.29
CA ALA C 176 -25.01 -7.50 5.92
C ALA C 176 -23.96 -6.91 5.01
N ASN C 177 -23.97 -7.31 3.74
CA ASN C 177 -23.17 -6.67 2.71
C ASN C 177 -24.10 -6.19 1.60
N TYR C 178 -23.91 -5.00 1.08
CA TYR C 178 -24.66 -4.62 -0.12
C TYR C 178 -23.71 -4.28 -1.28
N ASP C 179 -24.03 -4.77 -2.48
CA ASP C 179 -23.22 -4.40 -3.65
C ASP C 179 -24.10 -3.93 -4.79
N PRO C 180 -24.08 -2.61 -5.08
CA PRO C 180 -24.99 -2.03 -6.09
C PRO C 180 -24.53 -2.31 -7.51
N ARG C 181 -23.31 -2.87 -7.62
CA ARG C 181 -22.84 -3.28 -8.93
C ARG C 181 -23.40 -4.63 -9.32
N MET C 182 -23.77 -5.44 -8.34
CA MET C 182 -24.29 -6.74 -8.66
C MET C 182 -25.58 -6.59 -9.46
N LYS C 183 -25.65 -7.32 -10.58
CA LYS C 183 -26.74 -7.19 -11.56
C LYS C 183 -28.08 -7.60 -10.92
N ARG C 184 -28.03 -8.55 -9.99
CA ARG C 184 -29.13 -8.97 -9.12
C ARG C 184 -28.51 -9.70 -7.92
N GLU C 185 -29.24 -9.82 -6.81
CA GLU C 185 -28.78 -10.51 -5.59
C GLU C 185 -27.58 -9.85 -4.91
N GLY C 186 -27.67 -8.53 -4.90
CA GLY C 186 -26.65 -7.66 -4.38
C GLY C 186 -26.76 -7.41 -2.90
N LEU C 187 -27.74 -8.04 -2.24
CA LEU C 187 -27.79 -8.05 -0.76
C LEU C 187 -27.56 -9.47 -0.23
N HIS C 188 -26.74 -9.59 0.80
CA HIS C 188 -26.61 -10.84 1.51
C HIS C 188 -26.35 -10.46 2.95
N TYR C 189 -26.97 -11.19 3.85
CA TYR C 189 -26.79 -10.97 5.27
C TYR C 189 -26.90 -12.25 6.06
N VAL C 190 -26.47 -12.18 7.32
CA VAL C 190 -26.68 -13.28 8.25
C VAL C 190 -26.83 -12.72 9.64
N VAL C 191 -27.37 -13.55 10.52
CA VAL C 191 -27.52 -13.24 11.93
C VAL C 191 -26.43 -13.88 12.81
N ILE C 192 -25.80 -13.02 13.62
CA ILE C 192 -24.68 -13.46 14.45
C ILE C 192 -25.18 -13.32 15.88
N GLU C 193 -25.20 -14.44 16.60
CA GLU C 193 -25.67 -14.45 17.99
C GLU C 193 -24.54 -14.03 18.92
N ARG C 194 -24.91 -13.44 20.05
CA ARG C 194 -23.98 -13.03 21.09
C ARG C 194 -23.05 -14.18 21.40
N ASP C 195 -21.76 -13.91 21.49
CA ASP C 195 -20.80 -14.97 21.83
C ASP C 195 -20.18 -14.68 23.21
N GLU C 196 -20.37 -15.57 24.17
CA GLU C 196 -19.93 -15.28 25.56
C GLU C 196 -18.41 -15.33 25.74
N LYS C 197 -17.70 -16.10 24.92
CA LYS C 197 -16.22 -16.02 24.88
C LYS C 197 -15.69 -14.62 24.55
N TYR C 198 -16.38 -13.91 23.64
CA TYR C 198 -15.95 -12.57 23.17
C TYR C 198 -16.24 -11.63 24.27
N MET C 199 -17.43 -11.78 24.87
CA MET C 199 -17.81 -10.95 26.01
C MET C 199 -16.79 -11.06 27.15
N ALA C 200 -16.35 -12.28 27.41
CA ALA C 200 -15.44 -12.54 28.50
C ALA C 200 -14.10 -11.89 28.18
N SER C 201 -13.71 -11.95 26.90
CA SER C 201 -12.45 -11.32 26.47
C SER C 201 -12.56 -9.86 26.65
N PHE C 202 -13.71 -9.28 26.28
CA PHE C 202 -13.85 -7.86 26.44
C PHE C 202 -13.83 -7.54 27.91
N ASP C 203 -14.50 -8.37 28.74
CA ASP C 203 -14.55 -8.03 30.18
C ASP C 203 -13.16 -8.02 30.84
N GLU C 204 -12.28 -8.94 30.44
CA GLU C 204 -10.94 -9.01 31.02
C GLU C 204 -9.98 -7.96 30.44
N ILE C 205 -10.04 -7.78 29.10
CA ILE C 205 -9.00 -7.07 28.37
C ILE C 205 -9.25 -5.57 28.21
N VAL C 206 -10.49 -5.18 27.88
CA VAL C 206 -10.82 -3.76 27.72
C VAL C 206 -10.58 -2.85 28.95
N PRO C 207 -10.99 -3.25 30.19
CA PRO C 207 -10.67 -2.29 31.26
C PRO C 207 -9.17 -2.14 31.51
N GLU C 208 -8.43 -3.21 31.29
CA GLU C 208 -6.98 -3.16 31.35
C GLU C 208 -6.35 -2.27 30.28
N PHE C 209 -6.94 -2.23 29.09
CA PHE C 209 -6.48 -1.31 28.05
C PHE C 209 -6.70 0.10 28.55
N ILE C 210 -7.89 0.35 29.08
CA ILE C 210 -8.24 1.63 29.65
C ILE C 210 -7.28 2.06 30.78
N GLU C 211 -6.82 1.12 31.60
CA GLU C 211 -5.96 1.52 32.72
C GLU C 211 -4.56 1.88 32.26
N LYS C 212 -4.04 1.16 31.26
CA LYS C 212 -2.77 1.52 30.62
C LYS C 212 -2.83 2.87 29.91
N MET C 213 -3.89 3.15 29.16
CA MET C 213 -4.06 4.47 28.57
C MET C 213 -3.95 5.54 29.65
N ASP C 214 -4.76 5.42 30.72
CA ASP C 214 -4.76 6.43 31.81
C ASP C 214 -3.36 6.71 32.34
N GLU C 215 -2.67 5.63 32.74
CA GLU C 215 -1.25 5.66 33.12
C GLU C 215 -0.39 6.36 32.07
N ALA C 216 -0.55 5.92 30.81
CA ALA C 216 0.17 6.53 29.70
C ALA C 216 -0.07 8.02 29.62
N LEU C 217 -1.34 8.44 29.67
CA LEU C 217 -1.67 9.86 29.59
C LEU C 217 -1.05 10.60 30.79
N ALA C 218 -1.05 9.96 31.96
CA ALA C 218 -0.61 10.67 33.17
C ALA C 218 0.84 11.07 32.94
N GLU C 219 1.64 10.11 32.49
CA GLU C 219 3.03 10.32 32.22
C GLU C 219 3.27 11.61 31.48
N ILE C 220 2.33 12.05 30.65
CA ILE C 220 2.54 13.27 29.88
C ILE C 220 1.60 14.41 30.24
N GLY C 221 1.04 14.29 31.43
CA GLY C 221 0.21 15.36 32.01
C GLY C 221 -1.08 15.64 31.27
N PHE C 222 -1.70 14.59 30.71
CA PHE C 222 -3.01 14.76 30.06
C PHE C 222 -3.99 13.90 30.82
N VAL C 223 -5.27 14.15 30.67
CA VAL C 223 -6.32 13.28 31.27
C VAL C 223 -7.44 12.94 30.30
N PHE C 224 -7.90 11.69 30.28
CA PHE C 224 -9.07 11.42 29.43
C PHE C 224 -10.21 12.35 29.80
N GLY C 225 -10.84 12.89 28.78
CA GLY C 225 -11.93 13.82 28.94
C GLY C 225 -11.46 15.07 28.27
N GLU C 226 -10.15 15.23 28.25
CA GLU C 226 -9.55 16.47 27.83
C GLU C 226 -9.82 16.82 26.38
N GLN C 227 -10.06 15.79 25.54
CA GLN C 227 -10.42 15.98 24.11
C GLN C 227 -11.71 16.81 23.85
N TRP C 228 -12.55 16.90 24.88
CA TRP C 228 -13.89 17.56 24.81
C TRP C 228 -13.98 18.85 25.65
N ARG C 229 -13.57 18.74 26.92
CA ARG C 229 -13.64 19.80 27.96
C ARG C 229 -13.24 21.19 27.47
#